data_4MVX
#
_entry.id   4MVX
#
_cell.length_a   88.058
_cell.length_b   105.956
_cell.length_c   206.672
_cell.angle_alpha   90.000
_cell.angle_beta   90.000
_cell.angle_gamma   90.000
#
_symmetry.space_group_name_H-M   'P 21 21 21'
#
loop_
_entity.id
_entity.type
_entity.pdbx_description
1 polymer 'Methionyl-tRNA synthetase'
2 non-polymer GLYCEROL
3 non-polymer 'DIMETHYL SULFOXIDE'
4 non-polymer METHIONINE
5 non-polymer 1-{3-[(3,5-dichlorobenzyl)amino]propyl}-3-phenylurea
6 water water
#
_entity_poly.entity_id   1
_entity_poly.type   'polypeptide(L)'
_entity_poly.pdbx_seq_one_letter_code
;GPGSMKVEKVFFVTSPIYYVNAAPHIGHVYSTLITDVIGRYHRVKGERVFALTGTDEHGQKVAEAAKQKQVSPYDFTTAV
AGEFKK(CAS)FEQMDYSIDYFIRTTNEQHKAVVKELWTKLEQKGDIYLGRYEGWYSISDESFLTPQNITDGVDKDGNPC
KVSLESGHVVTWVSEENYMFRLSAFRERLLEWYHANPGCIVPEFRRREVIRAVEKGLPDLSVSRARATLHNWAIPVPGNP
DH(CAS)VYVWLDALTNYLTGSRLRVDESGKEVSLVDDFNELERFPADVHVIGKDILKFHAIYWPAFLLSAGLPLPKKIV
AHGWWTKDRKKISKSLGNVFDPVEKAEEFGYDALKYFLLRESGFSDDGDYSDKNMIARLNGELADTLGNLVMRCTSAKIN
VNGEWPSPAAYTEEDESLIQLIKDLPGTADHYYLIPDIQKAIIAVFDVLRAINAYVTDMAPWKLVKTDPERLRTVLYITL
EGVRVTTLLLSPILPRKSVVIFDMLGVPEVHRKGIENFEFGAVPPGTRLGPAVEGEVLFSKRSTENTKST
;
_entity_poly.pdbx_strand_id   A,B
#
loop_
_chem_comp.id
_chem_comp.type
_chem_comp.name
_chem_comp.formula
C13 non-polymer 1-{3-[(3,5-dichlorobenzyl)amino]propyl}-3-phenylurea 'C17 H19 Cl2 N3 O'
DMS non-polymer 'DIMETHYL SULFOXIDE' 'C2 H6 O S'
GOL non-polymer GLYCEROL 'C3 H8 O3'
#
# COMPACT_ATOMS: atom_id res chain seq x y z
N VAL A 7 2.67 -3.32 -31.76
CA VAL A 7 3.46 -4.31 -32.54
C VAL A 7 3.84 -5.54 -31.70
N GLU A 8 3.61 -6.73 -32.26
CA GLU A 8 4.12 -7.97 -31.67
C GLU A 8 5.53 -8.21 -32.23
N LYS A 9 6.42 -8.63 -31.35
CA LYS A 9 7.83 -8.38 -31.53
C LYS A 9 8.59 -9.08 -30.39
N VAL A 10 9.86 -9.39 -30.58
CA VAL A 10 10.67 -9.92 -29.49
C VAL A 10 11.01 -8.76 -28.58
N PHE A 11 10.75 -8.91 -27.29
CA PHE A 11 11.07 -7.87 -26.33
C PHE A 11 12.58 -7.87 -26.20
N PHE A 12 13.20 -6.74 -26.51
CA PHE A 12 14.65 -6.66 -26.57
C PHE A 12 15.18 -5.79 -25.43
N VAL A 13 15.93 -6.41 -24.52
CA VAL A 13 16.52 -5.72 -23.37
C VAL A 13 18.04 -5.94 -23.29
N THR A 14 18.76 -4.87 -22.98
CA THR A 14 20.22 -4.89 -23.01
C THR A 14 20.84 -4.32 -21.77
N SER A 15 22.05 -4.78 -21.47
CA SER A 15 22.91 -4.13 -20.49
C SER A 15 23.99 -3.39 -21.28
N PRO A 16 24.77 -2.53 -20.60
CA PRO A 16 25.94 -2.04 -21.29
C PRO A 16 26.87 -3.20 -21.59
N ILE A 17 27.83 -3.01 -22.50
CA ILE A 17 28.91 -3.96 -22.68
C ILE A 17 30.12 -3.36 -22.00
N TYR A 18 30.79 -4.15 -21.16
CA TYR A 18 31.70 -3.60 -20.16
C TYR A 18 33.16 -3.61 -20.59
N TYR A 19 33.89 -2.55 -20.27
CA TYR A 19 35.33 -2.52 -20.57
C TYR A 19 36.03 -3.68 -19.86
N VAL A 20 36.92 -4.35 -20.58
CA VAL A 20 37.66 -5.49 -20.03
C VAL A 20 39.08 -5.12 -19.60
N ASN A 21 39.24 -3.90 -19.12
CA ASN A 21 40.53 -3.42 -18.59
C ASN A 21 40.84 -4.01 -17.22
N ALA A 22 39.84 -4.60 -16.59
CA ALA A 22 39.90 -5.03 -15.21
C ALA A 22 38.85 -6.10 -14.96
N ALA A 23 39.00 -6.83 -13.87
CA ALA A 23 38.09 -7.95 -13.56
C ALA A 23 36.69 -7.44 -13.27
N PRO A 24 35.69 -8.33 -13.42
CA PRO A 24 34.32 -7.91 -13.13
C PRO A 24 34.10 -7.64 -11.65
N HIS A 25 33.13 -6.78 -11.34
CA HIS A 25 32.87 -6.35 -9.98
C HIS A 25 31.39 -5.98 -9.84
N ILE A 26 31.00 -5.47 -8.68
CA ILE A 26 29.58 -5.30 -8.36
C ILE A 26 28.81 -4.45 -9.40
N GLY A 27 29.40 -3.35 -9.83
CA GLY A 27 28.77 -2.49 -10.84
C GLY A 27 28.28 -3.24 -12.07
N HIS A 28 29.14 -4.11 -12.59
CA HIS A 28 28.78 -4.90 -13.77
C HIS A 28 27.68 -5.89 -13.44
N VAL A 29 27.83 -6.53 -12.29
CA VAL A 29 26.87 -7.54 -11.85
C VAL A 29 25.48 -6.93 -11.64
N TYR A 30 25.46 -5.71 -11.12
CA TYR A 30 24.24 -4.97 -10.89
C TYR A 30 23.53 -4.55 -12.18
N SER A 31 24.28 -3.98 -13.11
CA SER A 31 23.71 -3.56 -14.40
C SER A 31 23.08 -4.74 -15.12
N THR A 32 23.77 -5.87 -15.10
CA THR A 32 23.32 -7.04 -15.82
C THR A 32 22.15 -7.69 -15.07
N LEU A 33 22.19 -7.65 -13.75
CA LEU A 33 21.06 -8.11 -12.94
C LEU A 33 19.77 -7.40 -13.36
N ILE A 34 19.81 -6.08 -13.49
CA ILE A 34 18.63 -5.33 -13.83
C ILE A 34 18.10 -5.76 -15.20
N THR A 35 19.01 -5.86 -16.16
CA THR A 35 18.69 -6.42 -17.47
C THR A 35 18.05 -7.81 -17.35
N ASP A 36 18.64 -8.66 -16.54
CA ASP A 36 18.16 -10.03 -16.38
C ASP A 36 16.74 -10.08 -15.81
N VAL A 37 16.49 -9.24 -14.82
CA VAL A 37 15.19 -9.21 -14.15
C VAL A 37 14.08 -8.74 -15.10
N ILE A 38 14.35 -7.66 -15.83
CA ILE A 38 13.40 -7.16 -16.82
C ILE A 38 13.07 -8.27 -17.83
N GLY A 39 14.10 -8.95 -18.32
CA GLY A 39 13.91 -10.03 -19.27
C GLY A 39 13.07 -11.14 -18.66
N ARG A 40 13.40 -11.53 -17.43
CA ARG A 40 12.70 -12.62 -16.74
C ARG A 40 11.22 -12.31 -16.57
N TYR A 41 10.91 -11.07 -16.20
CA TYR A 41 9.53 -10.66 -16.05
C TYR A 41 8.71 -10.79 -17.34
N HIS A 42 9.27 -10.34 -18.46
CA HIS A 42 8.56 -10.45 -19.74
C HIS A 42 8.40 -11.90 -20.23
N ARG A 43 9.34 -12.76 -19.85
CA ARG A 43 9.20 -14.19 -20.15
C ARG A 43 8.09 -14.79 -19.33
N VAL A 44 7.97 -14.35 -18.08
CA VAL A 44 6.89 -14.77 -17.20
C VAL A 44 5.52 -14.34 -17.72
N LYS A 45 5.44 -13.14 -18.31
CA LYS A 45 4.21 -12.71 -19.00
C LYS A 45 3.96 -13.50 -20.31
N GLY A 46 4.91 -14.34 -20.72
CA GLY A 46 4.75 -15.17 -21.90
C GLY A 46 5.21 -14.55 -23.21
N GLU A 47 6.03 -13.50 -23.13
CA GLU A 47 6.53 -12.81 -24.30
C GLU A 47 7.82 -13.45 -24.79
N ARG A 48 8.13 -13.24 -26.07
CA ARG A 48 9.44 -13.57 -26.59
C ARG A 48 10.42 -12.53 -26.09
N VAL A 49 11.55 -12.99 -25.57
CA VAL A 49 12.54 -12.09 -24.97
C VAL A 49 13.93 -12.39 -25.49
N PHE A 50 14.67 -11.35 -25.85
CA PHE A 50 16.08 -11.48 -26.13
C PHE A 50 16.86 -10.54 -25.22
N ALA A 51 17.59 -11.10 -24.26
CA ALA A 51 18.39 -10.29 -23.35
C ALA A 51 19.84 -10.39 -23.72
N LEU A 52 20.49 -9.23 -23.79
CA LEU A 52 21.85 -9.10 -24.28
C LEU A 52 22.76 -8.50 -23.21
N THR A 53 23.97 -9.01 -23.15
CA THR A 53 25.04 -8.38 -22.38
C THR A 53 26.36 -8.68 -23.07
N GLY A 54 27.47 -8.22 -22.49
CA GLY A 54 28.78 -8.54 -23.06
C GLY A 54 29.91 -7.61 -22.69
N THR A 55 30.93 -7.60 -23.55
CA THR A 55 32.16 -6.87 -23.27
C THR A 55 32.60 -5.99 -24.43
N ASP A 56 33.15 -4.84 -24.04
CA ASP A 56 33.63 -3.79 -24.93
C ASP A 56 35.16 -3.90 -24.91
N GLU A 57 35.76 -4.37 -25.99
CA GLU A 57 37.14 -4.86 -25.91
C GLU A 57 38.19 -4.05 -26.66
N HIS A 58 37.77 -3.05 -27.42
CA HIS A 58 38.71 -2.22 -28.16
C HIS A 58 39.04 -0.95 -27.40
N GLY A 59 39.97 -0.17 -27.95
CA GLY A 59 40.27 1.15 -27.43
C GLY A 59 41.57 1.29 -26.69
N GLN A 60 41.89 2.54 -26.39
CA GLN A 60 43.12 2.92 -25.71
C GLN A 60 43.12 2.44 -24.26
N LYS A 61 42.00 2.65 -23.58
CA LYS A 61 41.86 2.20 -22.19
C LYS A 61 42.26 0.73 -22.09
N VAL A 62 41.60 -0.12 -22.87
CA VAL A 62 41.82 -1.56 -22.78
C VAL A 62 43.22 -1.93 -23.25
N ALA A 63 43.64 -1.35 -24.36
CA ALA A 63 44.96 -1.65 -24.94
C ALA A 63 46.10 -1.29 -23.99
N GLU A 64 45.94 -0.19 -23.25
CA GLU A 64 46.96 0.24 -22.30
C GLU A 64 46.89 -0.54 -20.99
N ALA A 65 45.72 -1.05 -20.66
CA ALA A 65 45.60 -1.97 -19.54
C ALA A 65 46.37 -3.27 -19.83
N ALA A 66 46.37 -3.69 -21.09
CA ALA A 66 47.02 -4.93 -21.49
C ALA A 66 48.53 -4.77 -21.50
N LYS A 67 49.00 -3.60 -21.95
CA LYS A 67 50.43 -3.28 -21.93
C LYS A 67 50.98 -3.21 -20.50
N GLN A 68 50.19 -2.65 -19.57
CA GLN A 68 50.56 -2.64 -18.14
C GLN A 68 50.77 -4.05 -17.58
N LYS A 69 49.95 -5.00 -18.02
CA LYS A 69 50.12 -6.41 -17.63
C LYS A 69 51.12 -7.14 -18.54
N GLN A 70 51.75 -6.41 -19.46
CA GLN A 70 52.77 -6.97 -20.35
C GLN A 70 52.28 -8.22 -21.07
N VAL A 71 51.16 -8.10 -21.77
CA VAL A 71 50.62 -9.20 -22.55
C VAL A 71 49.84 -8.68 -23.78
N SER A 72 49.64 -9.54 -24.76
CA SER A 72 48.96 -9.17 -26.00
C SER A 72 47.50 -8.77 -25.77
N PRO A 73 47.02 -7.75 -26.53
CA PRO A 73 45.62 -7.35 -26.42
C PRO A 73 44.63 -8.47 -26.71
N TYR A 74 44.97 -9.37 -27.64
CA TYR A 74 44.10 -10.49 -27.98
C TYR A 74 44.01 -11.43 -26.77
N ASP A 75 45.17 -11.79 -26.21
CA ASP A 75 45.23 -12.70 -25.06
C ASP A 75 44.58 -12.09 -23.83
N PHE A 76 44.80 -10.79 -23.63
CA PHE A 76 44.28 -10.09 -22.46
C PHE A 76 42.75 -9.97 -22.50
N THR A 77 42.21 -9.53 -23.63
CA THR A 77 40.76 -9.34 -23.75
C THR A 77 40.07 -10.69 -23.60
N THR A 78 40.57 -11.71 -24.28
CA THR A 78 39.97 -13.05 -24.21
C THR A 78 39.95 -13.60 -22.78
N ALA A 79 41.03 -13.38 -22.03
CA ALA A 79 41.11 -13.83 -20.65
C ALA A 79 40.07 -13.14 -19.78
N VAL A 80 40.06 -11.80 -19.83
CA VAL A 80 39.16 -11.02 -18.99
C VAL A 80 37.71 -11.22 -19.41
N ALA A 81 37.47 -11.35 -20.71
CA ALA A 81 36.13 -11.67 -21.20
C ALA A 81 35.64 -12.99 -20.60
N GLY A 82 36.53 -13.97 -20.52
CA GLY A 82 36.23 -15.24 -19.86
C GLY A 82 35.88 -15.08 -18.37
N GLU A 83 36.50 -14.12 -17.70
CA GLU A 83 36.17 -13.81 -16.31
C GLU A 83 34.76 -13.20 -16.19
N PHE A 84 34.40 -12.34 -17.12
CA PHE A 84 33.06 -11.77 -17.14
C PHE A 84 32.01 -12.86 -17.35
N LYS A 85 32.32 -13.84 -18.21
CA LYS A 85 31.39 -14.93 -18.49
C LYS A 85 31.24 -15.88 -17.30
N LYS A 86 32.37 -16.28 -16.73
CA LYS A 86 32.36 -17.13 -15.56
C LYS A 86 31.54 -16.48 -14.43
N CAS A 87 31.75 -15.18 -14.23
CA CAS A 87 31.04 -14.42 -13.20
CB CAS A 87 31.61 -13.01 -13.14
C CAS A 87 29.57 -14.42 -13.47
O CAS A 87 28.78 -14.70 -12.58
SG CAS A 87 30.78 -12.00 -11.96
AS CAS A 87 31.99 -12.24 -10.08
CE1 CAS A 87 33.45 -13.58 -10.35
CE2 CAS A 87 32.79 -10.49 -9.57
N PHE A 88 29.16 -14.13 -14.71
CA PHE A 88 27.75 -14.08 -15.03
C PHE A 88 27.09 -15.46 -14.97
N GLU A 89 27.82 -16.50 -15.37
CA GLU A 89 27.31 -17.87 -15.20
C GLU A 89 27.06 -18.16 -13.72
N GLN A 90 28.00 -17.77 -12.88
CA GLN A 90 27.89 -18.04 -11.46
C GLN A 90 26.73 -17.30 -10.82
N MET A 91 26.47 -16.08 -11.32
CA MET A 91 25.37 -15.25 -10.85
C MET A 91 24.00 -15.77 -11.27
N ASP A 92 23.98 -16.79 -12.12
CA ASP A 92 22.74 -17.49 -12.44
C ASP A 92 21.72 -16.58 -13.12
N TYR A 93 22.20 -15.83 -14.10
CA TYR A 93 21.34 -15.00 -14.92
C TYR A 93 20.73 -15.83 -16.04
N SER A 94 19.74 -15.27 -16.72
CA SER A 94 19.16 -15.88 -17.90
C SER A 94 19.35 -14.99 -19.12
N ILE A 95 20.61 -14.68 -19.44
CA ILE A 95 20.95 -13.88 -20.60
C ILE A 95 20.96 -14.75 -21.85
N ASP A 96 20.37 -14.25 -22.92
CA ASP A 96 20.27 -15.02 -24.17
C ASP A 96 21.55 -15.00 -24.98
N TYR A 97 22.34 -13.92 -24.87
CA TYR A 97 23.61 -13.87 -25.58
C TYR A 97 24.61 -12.91 -24.94
N PHE A 98 25.89 -13.30 -25.02
CA PHE A 98 27.00 -12.54 -24.51
C PHE A 98 27.86 -12.09 -25.71
N ILE A 99 27.81 -10.81 -26.06
CA ILE A 99 28.50 -10.31 -27.24
C ILE A 99 29.87 -9.74 -26.89
N ARG A 100 30.81 -9.89 -27.80
CA ARG A 100 32.15 -9.36 -27.64
C ARG A 100 32.45 -8.52 -28.88
N THR A 101 32.96 -7.32 -28.68
CA THR A 101 33.19 -6.41 -29.81
C THR A 101 34.34 -6.85 -30.71
N THR A 102 35.14 -7.82 -30.25
CA THR A 102 36.14 -8.48 -31.12
C THR A 102 35.51 -9.45 -32.09
N ASN A 103 34.24 -9.78 -31.88
CA ASN A 103 33.54 -10.66 -32.81
C ASN A 103 33.56 -10.09 -34.21
N GLU A 104 33.85 -10.95 -35.17
CA GLU A 104 34.04 -10.57 -36.55
C GLU A 104 32.73 -10.10 -37.19
N GLN A 105 31.60 -10.70 -36.78
CA GLN A 105 30.29 -10.29 -37.27
C GLN A 105 29.94 -8.89 -36.75
N HIS A 106 30.27 -8.60 -35.50
CA HIS A 106 30.10 -7.26 -34.97
C HIS A 106 30.86 -6.21 -35.77
N LYS A 107 32.06 -6.57 -36.17
CA LYS A 107 32.92 -5.68 -36.93
C LYS A 107 32.31 -5.33 -38.28
N ALA A 108 31.69 -6.33 -38.90
CA ALA A 108 30.99 -6.13 -40.17
C ALA A 108 29.85 -5.12 -40.00
N VAL A 109 29.12 -5.22 -38.89
CA VAL A 109 27.99 -4.33 -38.65
C VAL A 109 28.48 -2.90 -38.42
N VAL A 110 29.57 -2.74 -37.71
CA VAL A 110 30.15 -1.43 -37.48
C VAL A 110 30.51 -0.75 -38.81
N LYS A 111 31.23 -1.48 -39.67
CA LYS A 111 31.62 -0.97 -40.97
C LYS A 111 30.42 -0.62 -41.83
N GLU A 112 29.38 -1.40 -41.68
CA GLU A 112 28.13 -1.21 -42.40
C GLU A 112 27.45 0.08 -41.91
N LEU A 113 27.37 0.24 -40.59
CA LEU A 113 26.75 1.44 -40.02
C LEU A 113 27.57 2.68 -40.38
N TRP A 114 28.89 2.59 -40.21
CA TRP A 114 29.75 3.70 -40.57
C TRP A 114 29.49 4.16 -42.00
N THR A 115 29.48 3.22 -42.93
CA THR A 115 29.28 3.53 -44.33
C THR A 115 27.92 4.18 -44.54
N LYS A 116 26.91 3.69 -43.83
CA LYS A 116 25.59 4.31 -43.89
C LYS A 116 25.66 5.79 -43.49
N LEU A 117 26.33 6.09 -42.38
CA LEU A 117 26.43 7.46 -41.90
C LEU A 117 27.18 8.36 -42.89
N GLU A 118 28.22 7.81 -43.51
CA GLU A 118 29.00 8.54 -44.50
C GLU A 118 28.19 8.81 -45.75
N GLN A 119 27.51 7.80 -46.26
CA GLN A 119 26.67 7.95 -47.45
C GLN A 119 25.54 8.95 -47.24
N LYS A 120 25.12 9.09 -45.99
CA LYS A 120 24.06 10.01 -45.61
C LYS A 120 24.57 11.46 -45.49
N GLY A 121 25.88 11.64 -45.60
CA GLY A 121 26.50 12.96 -45.57
C GLY A 121 26.81 13.49 -44.17
N ASP A 122 26.71 12.64 -43.15
CA ASP A 122 26.89 13.09 -41.78
C ASP A 122 28.26 12.82 -41.17
N ILE A 123 29.21 12.37 -41.97
CA ILE A 123 30.61 12.22 -41.53
C ILE A 123 31.56 13.02 -42.43
N TYR A 124 32.37 13.88 -41.82
CA TYR A 124 33.35 14.66 -42.57
C TYR A 124 34.70 14.64 -41.89
N LEU A 125 35.73 15.05 -42.62
CA LEU A 125 37.08 15.09 -42.08
C LEU A 125 37.28 16.45 -41.44
N GLY A 126 37.62 16.45 -40.16
CA GLY A 126 37.88 17.67 -39.40
C GLY A 126 39.00 17.47 -38.40
N ARG A 127 38.96 18.25 -37.33
CA ARG A 127 39.90 18.13 -36.22
C ARG A 127 39.16 18.16 -34.89
N TYR A 128 39.67 17.42 -33.91
CA TYR A 128 39.33 17.65 -32.53
C TYR A 128 40.57 18.20 -31.84
N GLU A 129 40.43 19.38 -31.24
CA GLU A 129 41.43 19.95 -30.37
C GLU A 129 40.77 20.22 -29.03
N GLY A 130 41.00 19.34 -28.06
CA GLY A 130 40.34 19.49 -26.77
C GLY A 130 40.73 18.41 -25.79
N TRP A 131 40.01 18.39 -24.67
CA TRP A 131 40.28 17.41 -23.61
C TRP A 131 39.63 16.05 -23.88
N TYR A 132 40.26 15.02 -23.34
CA TYR A 132 39.77 13.65 -23.48
C TYR A 132 40.08 12.86 -22.22
N SER A 133 39.12 12.09 -21.75
CA SER A 133 39.33 11.15 -20.64
C SER A 133 39.50 9.74 -21.19
N ILE A 134 40.71 9.23 -21.17
CA ILE A 134 40.97 7.90 -21.69
C ILE A 134 40.18 6.85 -20.93
N SER A 135 40.11 7.01 -19.61
CA SER A 135 39.44 6.05 -18.74
C SER A 135 37.93 5.99 -19.03
N ASP A 136 37.33 7.11 -19.42
CA ASP A 136 35.92 7.14 -19.80
C ASP A 136 35.71 7.09 -21.32
N GLU A 137 36.81 7.13 -22.07
CA GLU A 137 36.81 7.25 -23.54
C GLU A 137 35.84 8.34 -23.98
N SER A 138 35.95 9.49 -23.32
CA SER A 138 34.96 10.56 -23.46
C SER A 138 35.61 11.90 -23.78
N PHE A 139 35.01 12.62 -24.72
CA PHE A 139 35.43 13.98 -25.04
C PHE A 139 34.81 14.92 -24.05
N LEU A 140 35.60 15.86 -23.56
CA LEU A 140 35.14 16.82 -22.57
C LEU A 140 35.47 18.25 -22.96
N THR A 141 34.59 19.17 -22.59
CA THR A 141 34.80 20.60 -22.80
C THR A 141 35.51 21.15 -21.56
N PRO A 142 36.13 22.35 -21.67
CA PRO A 142 36.85 22.89 -20.51
C PRO A 142 35.98 23.15 -19.27
N GLN A 143 34.68 23.30 -19.46
CA GLN A 143 33.73 23.43 -18.35
C GLN A 143 33.64 22.13 -17.52
N ASN A 144 34.04 21.00 -18.11
CA ASN A 144 33.95 19.69 -17.44
C ASN A 144 35.27 19.09 -16.93
N ILE A 145 36.28 19.93 -16.80
CA ILE A 145 37.54 19.51 -16.17
C ILE A 145 37.88 20.46 -15.03
N THR A 146 38.75 20.00 -14.14
CA THR A 146 39.25 20.83 -13.07
C THR A 146 40.62 20.30 -12.64
N ASP A 147 41.19 20.89 -11.60
CA ASP A 147 42.52 20.53 -11.15
C ASP A 147 42.51 19.28 -10.27
N GLY A 148 43.58 18.51 -10.37
CA GLY A 148 43.68 17.25 -9.63
C GLY A 148 45.08 16.68 -9.59
N VAL A 149 45.17 15.42 -9.16
CA VAL A 149 46.44 14.77 -8.88
C VAL A 149 46.51 13.42 -9.60
N ASP A 150 47.63 13.18 -10.28
CA ASP A 150 47.83 11.92 -11.02
C ASP A 150 48.46 10.87 -10.11
N LYS A 151 48.67 9.66 -10.65
CA LYS A 151 49.26 8.54 -9.91
C LYS A 151 50.58 8.88 -9.20
N ASP A 152 51.39 9.74 -9.83
CA ASP A 152 52.65 10.21 -9.24
C ASP A 152 52.45 11.17 -8.05
N GLY A 153 51.46 12.05 -8.16
CA GLY A 153 51.27 13.13 -7.20
C GLY A 153 51.40 14.51 -7.84
N ASN A 154 51.80 14.55 -9.12
CA ASN A 154 51.91 15.80 -9.86
C ASN A 154 50.55 16.46 -10.10
N PRO A 155 50.54 17.80 -10.25
CA PRO A 155 49.30 18.46 -10.60
C PRO A 155 48.95 18.14 -12.04
N CYS A 156 47.67 17.92 -12.30
CA CYS A 156 47.19 17.62 -13.64
C CYS A 156 45.74 18.07 -13.72
N LYS A 157 45.12 17.79 -14.86
CA LYS A 157 43.70 18.03 -15.01
C LYS A 157 42.94 16.71 -14.93
N VAL A 158 41.72 16.78 -14.40
CA VAL A 158 40.88 15.61 -14.24
C VAL A 158 39.42 15.92 -14.59
N SER A 159 38.68 14.89 -14.97
CA SER A 159 37.27 15.03 -15.29
C SER A 159 36.45 15.42 -14.06
N LEU A 160 35.57 16.42 -14.21
CA LEU A 160 34.59 16.74 -13.18
C LEU A 160 33.60 15.60 -13.01
N GLU A 161 33.29 14.92 -14.11
CA GLU A 161 32.34 13.82 -14.09
C GLU A 161 32.85 12.64 -13.27
N SER A 162 34.08 12.21 -13.52
CA SER A 162 34.57 10.95 -12.99
C SER A 162 35.85 11.04 -12.15
N GLY A 163 36.57 12.15 -12.23
CA GLY A 163 37.82 12.31 -11.49
C GLY A 163 39.05 11.66 -12.11
N HIS A 164 38.88 11.00 -13.25
CA HIS A 164 40.02 10.41 -13.95
C HIS A 164 40.85 11.48 -14.65
N VAL A 165 42.11 11.14 -14.94
CA VAL A 165 43.03 12.06 -15.59
C VAL A 165 42.64 12.32 -17.04
N VAL A 166 42.55 13.60 -17.40
CA VAL A 166 42.31 13.99 -18.77
C VAL A 166 43.61 14.43 -19.47
N THR A 167 43.59 14.38 -20.79
CA THR A 167 44.73 14.75 -21.60
C THR A 167 44.24 15.57 -22.80
N TRP A 168 45.11 16.40 -23.32
CA TRP A 168 44.77 17.23 -24.48
C TRP A 168 45.07 16.45 -25.75
N VAL A 169 44.14 16.52 -26.70
CA VAL A 169 44.20 15.80 -27.96
C VAL A 169 44.09 16.82 -29.07
N SER A 170 44.96 16.71 -30.05
CA SER A 170 44.90 17.54 -31.22
C SER A 170 45.13 16.62 -32.39
N GLU A 171 44.08 16.32 -33.13
CA GLU A 171 44.15 15.30 -34.17
C GLU A 171 43.19 15.59 -35.29
N GLU A 172 43.64 15.30 -36.50
CA GLU A 172 42.74 15.23 -37.65
C GLU A 172 41.87 13.97 -37.52
N ASN A 173 40.57 14.16 -37.35
CA ASN A 173 39.63 13.06 -37.09
C ASN A 173 38.43 13.15 -38.01
N TYR A 174 37.82 12.00 -38.32
CA TYR A 174 36.49 11.98 -38.93
C TYR A 174 35.47 12.43 -37.86
N MET A 175 34.60 13.36 -38.26
CA MET A 175 33.64 13.98 -37.35
C MET A 175 32.22 13.65 -37.78
N PHE A 176 31.36 13.34 -36.81
CA PHE A 176 29.94 13.12 -37.04
C PHE A 176 29.20 14.42 -36.79
N ARG A 177 28.25 14.75 -37.65
CA ARG A 177 27.49 16.01 -37.57
C ARG A 177 26.43 16.05 -36.46
N LEU A 178 26.86 15.86 -35.22
CA LEU A 178 25.92 15.78 -34.10
C LEU A 178 25.14 17.09 -33.90
N SER A 179 25.77 18.21 -34.24
CA SER A 179 25.14 19.52 -34.15
C SER A 179 23.83 19.56 -34.93
N ALA A 180 23.80 18.86 -36.06
CA ALA A 180 22.64 18.83 -36.96
C ALA A 180 21.44 18.04 -36.43
N PHE A 181 21.59 17.40 -35.26
CA PHE A 181 20.53 16.53 -34.73
C PHE A 181 19.87 17.09 -33.46
N ARG A 182 20.27 18.28 -33.04
CA ARG A 182 19.69 18.92 -31.87
C ARG A 182 18.17 18.95 -31.90
N GLU A 183 17.62 19.48 -32.99
CA GLU A 183 16.19 19.71 -33.07
C GLU A 183 15.41 18.41 -33.07
N ARG A 184 15.92 17.40 -33.77
CA ARG A 184 15.24 16.10 -33.85
C ARG A 184 15.32 15.30 -32.55
N LEU A 185 16.45 15.39 -31.85
CA LEU A 185 16.56 14.78 -30.53
C LEU A 185 15.57 15.40 -29.55
N LEU A 186 15.51 16.73 -29.54
CA LEU A 186 14.53 17.44 -28.70
C LEU A 186 13.07 17.03 -29.00
N GLU A 187 12.72 16.95 -30.28
CA GLU A 187 11.41 16.42 -30.69
C GLU A 187 11.20 15.03 -30.12
N TRP A 188 12.22 14.17 -30.21
CA TRP A 188 12.12 12.81 -29.69
C TRP A 188 11.86 12.77 -28.19
N TYR A 189 12.62 13.55 -27.42
CA TYR A 189 12.47 13.57 -25.97
C TYR A 189 11.09 14.06 -25.58
N HIS A 190 10.60 15.10 -26.26
CA HIS A 190 9.29 15.71 -26.00
CA HIS A 190 9.31 15.67 -25.92
C HIS A 190 8.15 14.78 -26.38
N ALA A 191 8.27 14.14 -27.54
CA ALA A 191 7.22 13.27 -28.05
C ALA A 191 7.12 11.96 -27.29
N ASN A 192 8.19 11.60 -26.59
CA ASN A 192 8.23 10.34 -25.85
C ASN A 192 8.75 10.59 -24.45
N PRO A 193 7.93 11.21 -23.58
CA PRO A 193 8.38 11.59 -22.24
C PRO A 193 8.72 10.42 -21.31
N GLY A 194 8.44 9.19 -21.72
CA GLY A 194 8.87 8.04 -20.97
C GLY A 194 10.15 7.39 -21.48
N CYS A 195 10.79 8.00 -22.49
CA CYS A 195 11.94 7.37 -23.15
C CYS A 195 13.22 7.33 -22.30
N ILE A 196 13.33 8.20 -21.31
CA ILE A 196 14.46 8.18 -20.39
C ILE A 196 13.98 8.17 -18.95
N VAL A 197 14.50 7.24 -18.17
CA VAL A 197 14.11 7.00 -16.79
C VAL A 197 15.37 6.93 -15.95
N PRO A 198 15.36 7.47 -14.72
CA PRO A 198 14.30 8.26 -14.09
C PRO A 198 14.16 9.65 -14.68
N GLU A 199 13.05 10.28 -14.33
CA GLU A 199 12.64 11.55 -14.90
C GLU A 199 13.67 12.67 -14.78
N PHE A 200 14.41 12.73 -13.67
CA PHE A 200 15.37 13.84 -13.50
C PHE A 200 16.59 13.72 -14.44
N ARG A 201 16.90 12.50 -14.87
CA ARG A 201 17.98 12.28 -15.84
C ARG A 201 17.49 12.64 -17.22
N ARG A 202 16.21 12.41 -17.49
CA ARG A 202 15.61 12.88 -18.72
C ARG A 202 15.73 14.40 -18.83
N ARG A 203 15.50 15.11 -17.72
CA ARG A 203 15.62 16.57 -17.70
C ARG A 203 17.07 17.00 -17.89
N GLU A 204 17.99 16.27 -17.28
CA GLU A 204 19.43 16.53 -17.48
C GLU A 204 19.83 16.48 -18.96
N VAL A 205 19.35 15.47 -19.67
CA VAL A 205 19.66 15.28 -21.08
C VAL A 205 19.07 16.41 -21.90
N ILE A 206 17.81 16.76 -21.63
CA ILE A 206 17.14 17.81 -22.39
C ILE A 206 17.87 19.14 -22.22
N ARG A 207 18.20 19.49 -20.99
CA ARG A 207 18.97 20.72 -20.73
C ARG A 207 20.27 20.77 -21.52
N ALA A 208 20.99 19.65 -21.58
CA ALA A 208 22.28 19.61 -22.26
C ALA A 208 22.12 19.81 -23.76
N VAL A 209 21.12 19.16 -24.34
CA VAL A 209 20.87 19.27 -25.78
C VAL A 209 20.29 20.64 -26.12
N GLU A 210 19.50 21.19 -25.20
CA GLU A 210 19.00 22.56 -25.35
C GLU A 210 20.14 23.56 -25.50
N LYS A 211 21.20 23.40 -24.70
CA LYS A 211 22.33 24.33 -24.71
C LYS A 211 23.13 24.33 -26.02
N GLY A 212 22.98 23.28 -26.81
CA GLY A 212 23.67 23.17 -28.08
C GLY A 212 24.58 21.96 -28.08
N LEU A 213 24.85 21.43 -29.28
CA LEU A 213 25.70 20.26 -29.45
C LEU A 213 26.78 20.54 -30.47
N PRO A 214 28.03 20.21 -30.14
CA PRO A 214 29.11 20.27 -31.10
C PRO A 214 29.18 18.96 -31.88
N ASP A 215 29.94 18.96 -32.97
CA ASP A 215 30.18 17.73 -33.72
C ASP A 215 31.10 16.83 -32.93
N LEU A 216 30.99 15.53 -33.21
CA LEU A 216 31.62 14.50 -32.42
C LEU A 216 32.65 13.78 -33.25
N SER A 217 33.84 13.63 -32.68
CA SER A 217 34.91 12.89 -33.30
C SER A 217 34.56 11.39 -33.25
N VAL A 218 34.45 10.78 -34.43
CA VAL A 218 34.09 9.36 -34.53
C VAL A 218 35.25 8.50 -35.07
N SER A 219 36.44 9.08 -35.20
CA SER A 219 37.64 8.31 -35.47
C SER A 219 38.82 8.88 -34.71
N ARG A 220 39.89 8.10 -34.62
CA ARG A 220 41.16 8.56 -34.07
C ARG A 220 42.28 8.04 -34.96
N ALA A 221 43.44 8.69 -34.88
CA ALA A 221 44.62 8.22 -35.60
C ALA A 221 45.01 6.86 -35.04
N ARG A 222 45.46 5.96 -35.90
CA ARG A 222 45.66 4.55 -35.51
C ARG A 222 46.74 4.35 -34.43
N ALA A 223 47.78 5.17 -34.46
CA ALA A 223 48.88 5.04 -33.51
C ALA A 223 48.42 5.26 -32.07
N THR A 224 47.60 6.28 -31.86
CA THR A 224 47.16 6.62 -30.50
C THR A 224 46.27 5.55 -29.86
N LEU A 225 45.63 4.70 -30.65
CA LEU A 225 44.87 3.54 -30.14
C LEU A 225 45.69 2.25 -30.09
N HIS A 226 47.01 2.36 -30.28
CA HIS A 226 47.88 1.18 -30.34
C HIS A 226 47.31 0.12 -31.29
N ASN A 227 46.69 0.60 -32.38
CA ASN A 227 46.10 -0.24 -33.41
C ASN A 227 45.10 -1.29 -32.90
N TRP A 228 44.48 -1.02 -31.77
CA TRP A 228 43.54 -1.96 -31.16
C TRP A 228 42.13 -1.41 -31.28
N ALA A 229 41.58 -1.54 -32.49
CA ALA A 229 40.30 -0.93 -32.84
C ALA A 229 39.90 -1.35 -34.25
N ILE A 230 38.71 -0.98 -34.67
CA ILE A 230 38.19 -1.31 -35.99
C ILE A 230 38.66 -0.24 -36.99
N PRO A 231 39.36 -0.63 -38.06
CA PRO A 231 39.75 0.38 -39.04
C PRO A 231 38.55 1.05 -39.66
N VAL A 232 38.69 2.33 -39.99
CA VAL A 232 37.66 3.08 -40.72
C VAL A 232 37.60 2.56 -42.15
N PRO A 233 36.39 2.21 -42.63
CA PRO A 233 36.25 1.77 -44.04
C PRO A 233 36.79 2.80 -45.01
N GLY A 234 37.69 2.37 -45.89
CA GLY A 234 38.31 3.27 -46.86
C GLY A 234 39.44 4.15 -46.37
N ASN A 235 39.75 4.10 -45.07
CA ASN A 235 40.86 4.87 -44.54
C ASN A 235 41.58 4.14 -43.41
N PRO A 236 42.55 3.29 -43.78
CA PRO A 236 43.27 2.47 -42.80
C PRO A 236 44.14 3.25 -41.82
N ASP A 237 44.32 4.55 -42.01
CA ASP A 237 45.06 5.37 -41.06
C ASP A 237 44.23 5.76 -39.82
N HIS A 238 42.92 5.59 -39.89
CA HIS A 238 42.02 5.91 -38.79
C HIS A 238 41.33 4.66 -38.23
N CAS A 239 40.98 4.71 -36.95
CA CAS A 239 40.15 3.69 -36.32
CB CAS A 239 40.80 3.06 -35.10
C CAS A 239 38.86 4.30 -35.85
O CAS A 239 38.80 5.47 -35.49
SG CAS A 239 42.51 2.70 -35.31
AS CAS A 239 42.40 0.86 -36.50
CE1 CAS A 239 43.39 1.14 -38.21
CE2 CAS A 239 43.30 -0.68 -35.61
N VAL A 240 37.80 3.49 -35.83
CA VAL A 240 36.49 3.94 -35.40
C VAL A 240 36.49 4.22 -33.90
N TYR A 241 35.91 5.36 -33.51
CA TYR A 241 35.73 5.73 -32.10
C TYR A 241 35.16 4.53 -31.35
N VAL A 242 35.85 4.13 -30.28
CA VAL A 242 35.44 2.97 -29.48
C VAL A 242 33.95 3.02 -29.06
N TRP A 243 33.39 4.21 -28.90
CA TRP A 243 31.99 4.33 -28.50
C TRP A 243 30.98 4.08 -29.63
N LEU A 244 31.32 4.49 -30.85
CA LEU A 244 30.48 4.19 -32.00
C LEU A 244 30.49 2.67 -32.23
N ASP A 245 31.68 2.10 -32.13
CA ASP A 245 31.91 0.65 -32.13
C ASP A 245 31.07 -0.02 -31.04
N ALA A 246 31.19 0.46 -29.80
CA ALA A 246 30.49 -0.14 -28.66
C ALA A 246 28.97 -0.08 -28.78
N LEU A 247 28.42 1.09 -29.06
CA LEU A 247 26.98 1.24 -29.15
C LEU A 247 26.38 0.36 -30.25
N THR A 248 27.14 0.13 -31.31
CA THR A 248 26.71 -0.75 -32.38
C THR A 248 26.47 -2.19 -31.89
N ASN A 249 26.98 -2.57 -30.72
CA ASN A 249 26.75 -3.94 -30.22
C ASN A 249 25.26 -4.26 -30.14
N TYR A 250 24.44 -3.26 -29.84
CA TYR A 250 23.01 -3.47 -29.70
C TYR A 250 22.37 -3.87 -31.05
N LEU A 251 22.86 -3.25 -32.13
CA LEU A 251 22.39 -3.55 -33.48
C LEU A 251 22.91 -4.93 -33.92
N THR A 252 24.19 -5.18 -33.68
CA THR A 252 24.77 -6.49 -33.97
C THR A 252 23.96 -7.58 -33.29
N GLY A 253 23.78 -7.43 -31.99
CA GLY A 253 23.04 -8.40 -31.20
C GLY A 253 21.64 -8.64 -31.71
N SER A 254 20.98 -7.58 -32.17
CA SER A 254 19.64 -7.73 -32.71
C SER A 254 19.61 -8.56 -33.99
N ARG A 255 20.78 -8.74 -34.62
CA ARG A 255 20.91 -9.42 -35.91
C ARG A 255 21.67 -10.75 -35.88
N LEU A 256 21.93 -11.29 -34.70
CA LEU A 256 22.62 -12.57 -34.56
C LEU A 256 21.66 -13.70 -34.23
N ARG A 257 21.66 -14.75 -35.07
CA ARG A 257 21.04 -16.03 -34.72
C ARG A 257 21.98 -16.84 -33.83
N VAL A 258 21.44 -17.34 -32.73
CA VAL A 258 22.23 -18.00 -31.70
C VAL A 258 21.73 -19.42 -31.50
N ASP A 259 22.65 -20.40 -31.50
CA ASP A 259 22.30 -21.82 -31.32
C ASP A 259 22.00 -22.15 -29.85
N GLU A 260 21.58 -23.39 -29.63
CA GLU A 260 21.20 -23.91 -28.29
C GLU A 260 22.25 -23.64 -27.20
N SER A 261 23.52 -23.78 -27.58
CA SER A 261 24.65 -23.61 -26.66
C SER A 261 24.97 -22.13 -26.34
N GLY A 262 24.38 -21.20 -27.08
CA GLY A 262 24.62 -19.77 -26.87
C GLY A 262 25.73 -19.22 -27.76
N LYS A 263 26.24 -20.05 -28.64
CA LYS A 263 27.26 -19.63 -29.61
C LYS A 263 26.57 -18.97 -30.79
N GLU A 264 27.17 -17.90 -31.30
CA GLU A 264 26.64 -17.20 -32.48
C GLU A 264 26.91 -18.03 -33.73
N VAL A 265 25.92 -18.13 -34.60
CA VAL A 265 26.08 -18.95 -35.82
C VAL A 265 25.77 -18.23 -37.14
N SER A 266 25.20 -17.03 -37.10
CA SER A 266 24.76 -16.37 -38.33
C SER A 266 24.38 -14.91 -38.10
N LEU A 267 24.79 -14.05 -39.03
CA LEU A 267 24.46 -12.64 -38.99
C LEU A 267 23.52 -12.34 -40.15
N VAL A 268 22.28 -11.98 -39.83
CA VAL A 268 21.29 -11.63 -40.85
C VAL A 268 21.53 -10.23 -41.41
N ASP A 269 21.01 -9.97 -42.60
CA ASP A 269 21.27 -8.71 -43.31
C ASP A 269 20.44 -7.56 -42.78
N ASP A 270 19.21 -7.86 -42.42
CA ASP A 270 18.19 -6.87 -42.09
C ASP A 270 17.61 -7.21 -40.71
N PHE A 271 17.77 -6.29 -39.75
CA PHE A 271 17.29 -6.51 -38.37
C PHE A 271 15.83 -6.97 -38.25
N ASN A 272 14.96 -6.55 -39.16
CA ASN A 272 13.57 -7.02 -39.15
C ASN A 272 13.46 -8.53 -39.18
N GLU A 273 14.46 -9.20 -39.73
CA GLU A 273 14.44 -10.66 -39.83
C GLU A 273 14.26 -11.34 -38.47
N LEU A 274 14.89 -10.80 -37.43
CA LEU A 274 14.79 -11.38 -36.08
C LEU A 274 13.88 -10.61 -35.12
N GLU A 275 13.30 -9.50 -35.59
CA GLU A 275 12.26 -8.75 -34.85
C GLU A 275 12.67 -8.29 -33.46
N ARG A 276 13.95 -7.94 -33.27
CA ARG A 276 14.42 -7.47 -31.96
C ARG A 276 14.67 -5.97 -31.94
N PHE A 277 15.29 -5.45 -32.99
CA PHE A 277 15.65 -4.05 -33.02
C PHE A 277 14.40 -3.18 -33.24
N PRO A 278 14.31 -2.03 -32.56
CA PRO A 278 15.22 -1.45 -31.59
C PRO A 278 14.94 -1.96 -30.17
N ALA A 279 15.88 -1.73 -29.27
CA ALA A 279 15.74 -2.14 -27.88
C ALA A 279 14.51 -1.51 -27.28
N ASP A 280 13.80 -2.32 -26.50
CA ASP A 280 12.70 -1.87 -25.71
C ASP A 280 13.21 -1.21 -24.42
N VAL A 281 14.27 -1.76 -23.85
CA VAL A 281 14.95 -1.16 -22.71
C VAL A 281 16.47 -1.27 -22.81
N HIS A 282 17.17 -0.14 -22.80
CA HIS A 282 18.63 -0.14 -22.60
C HIS A 282 18.86 0.12 -21.15
N VAL A 283 19.35 -0.87 -20.41
CA VAL A 283 19.77 -0.67 -19.01
C VAL A 283 21.17 -0.11 -19.02
N ILE A 284 21.39 0.99 -18.30
CA ILE A 284 22.71 1.61 -18.19
C ILE A 284 22.96 2.24 -16.83
N GLY A 285 24.20 2.61 -16.57
CA GLY A 285 24.55 3.41 -15.40
C GLY A 285 24.55 4.89 -15.75
N LYS A 286 24.39 5.73 -14.73
CA LYS A 286 24.34 7.17 -14.95
C LYS A 286 25.60 7.73 -15.59
N ASP A 287 26.73 7.05 -15.40
CA ASP A 287 27.97 7.50 -16.01
C ASP A 287 27.95 7.53 -17.55
N ILE A 288 27.11 6.72 -18.21
CA ILE A 288 27.14 6.64 -19.68
C ILE A 288 25.84 7.11 -20.38
N LEU A 289 25.11 7.98 -19.70
CA LEU A 289 23.84 8.50 -20.22
C LEU A 289 23.97 9.22 -21.58
N LYS A 290 24.98 10.06 -21.74
CA LYS A 290 25.07 10.90 -22.95
C LYS A 290 25.31 10.08 -24.20
N PHE A 291 26.08 9.00 -24.07
CA PHE A 291 26.36 8.12 -25.19
C PHE A 291 25.07 7.48 -25.70
N HIS A 292 24.20 7.11 -24.76
CA HIS A 292 22.95 6.41 -25.08
C HIS A 292 21.73 7.28 -25.42
N ALA A 293 21.63 8.46 -24.84
CA ALA A 293 20.47 9.33 -25.00
C ALA A 293 20.72 10.50 -25.93
N ILE A 294 21.98 10.75 -26.27
CA ILE A 294 22.35 11.77 -27.24
C ILE A 294 23.02 11.14 -28.47
N TYR A 295 24.19 10.53 -28.30
CA TYR A 295 24.94 10.04 -29.45
C TYR A 295 24.18 8.93 -30.20
N TRP A 296 23.74 7.94 -29.45
CA TRP A 296 23.13 6.74 -30.02
C TRP A 296 21.92 7.09 -30.90
N PRO A 297 20.92 7.81 -30.36
CA PRO A 297 19.78 8.14 -31.22
C PRO A 297 20.16 9.01 -32.40
N ALA A 298 21.16 9.87 -32.23
CA ALA A 298 21.64 10.69 -33.34
C ALA A 298 22.20 9.82 -34.47
N PHE A 299 23.00 8.81 -34.13
CA PHE A 299 23.51 7.87 -35.15
C PHE A 299 22.36 7.12 -35.83
N LEU A 300 21.38 6.72 -35.03
CA LEU A 300 20.23 5.98 -35.54
C LEU A 300 19.39 6.84 -36.47
N LEU A 301 19.15 8.08 -36.07
CA LEU A 301 18.44 9.03 -36.92
C LEU A 301 19.19 9.23 -38.23
N SER A 302 20.50 9.43 -38.17
CA SER A 302 21.30 9.61 -39.38
C SER A 302 21.14 8.43 -40.32
N ALA A 303 21.26 7.23 -39.75
CA ALA A 303 21.24 6.00 -40.53
C ALA A 303 19.83 5.58 -40.96
N GLY A 304 18.81 6.26 -40.46
CA GLY A 304 17.44 5.86 -40.71
C GLY A 304 17.03 4.56 -40.06
N LEU A 305 17.52 4.31 -38.84
CA LEU A 305 17.11 3.14 -38.04
C LEU A 305 16.19 3.61 -36.92
N PRO A 306 15.31 2.73 -36.43
CA PRO A 306 14.38 3.16 -35.39
C PRO A 306 15.07 3.37 -34.05
N LEU A 307 14.51 4.25 -33.23
CA LEU A 307 15.11 4.61 -31.95
C LEU A 307 14.63 3.66 -30.86
N PRO A 308 15.44 3.51 -29.80
CA PRO A 308 15.01 2.67 -28.67
C PRO A 308 13.78 3.26 -27.98
N LYS A 309 13.09 2.43 -27.21
CA LYS A 309 11.86 2.85 -26.56
C LYS A 309 12.13 3.49 -25.22
N LYS A 310 13.06 2.91 -24.47
CA LYS A 310 13.41 3.37 -23.13
C LYS A 310 14.89 3.20 -22.85
N ILE A 311 15.50 4.21 -22.24
CA ILE A 311 16.80 4.09 -21.61
C ILE A 311 16.57 4.23 -20.11
N VAL A 312 17.02 3.26 -19.32
CA VAL A 312 16.90 3.36 -17.89
C VAL A 312 18.29 3.45 -17.28
N ALA A 313 18.52 4.51 -16.52
CA ALA A 313 19.83 4.80 -15.96
C ALA A 313 19.79 4.73 -14.44
N HIS A 314 20.52 3.77 -13.88
CA HIS A 314 20.58 3.57 -12.44
C HIS A 314 21.76 4.34 -11.85
N GLY A 315 21.95 4.25 -10.52
CA GLY A 315 23.04 4.96 -9.81
C GLY A 315 24.23 4.12 -9.37
N TRP A 316 25.17 4.74 -8.65
CA TRP A 316 26.44 4.09 -8.22
C TRP A 316 26.35 3.47 -6.81
N TRP A 317 27.19 2.47 -6.53
CA TRP A 317 27.18 1.77 -5.23
C TRP A 317 28.35 2.14 -4.30
N THR A 318 28.07 2.15 -3.01
CA THR A 318 29.05 2.35 -1.95
C THR A 318 28.90 1.24 -0.93
N LYS A 319 29.94 0.97 -0.14
CA LYS A 319 29.88 -0.03 0.93
C LYS A 319 30.25 0.61 2.26
N ASP A 320 29.31 0.55 3.22
CA ASP A 320 29.44 1.22 4.52
C ASP A 320 29.69 2.73 4.38
N ARG A 321 29.02 3.34 3.40
CA ARG A 321 29.13 4.78 3.09
C ARG A 321 30.55 5.17 2.67
N LYS A 322 31.24 4.26 1.99
CA LYS A 322 32.59 4.51 1.45
C LYS A 322 32.70 3.92 0.04
N LYS A 323 33.48 4.57 -0.81
CA LYS A 323 33.66 4.13 -2.19
C LYS A 323 34.28 2.73 -2.22
N ILE A 324 33.75 1.87 -3.08
CA ILE A 324 34.29 0.54 -3.28
C ILE A 324 35.58 0.65 -4.09
N SER A 325 36.67 0.10 -3.55
CA SER A 325 37.97 0.13 -4.19
C SER A 325 38.93 -0.90 -3.58
N LYS A 326 39.68 -1.59 -4.43
CA LYS A 326 40.71 -2.53 -3.99
C LYS A 326 41.89 -1.78 -3.39
N SER A 327 42.18 -0.60 -3.95
CA SER A 327 43.30 0.23 -3.49
C SER A 327 43.04 0.92 -2.14
N LEU A 328 41.78 1.18 -1.82
CA LEU A 328 41.42 1.85 -0.56
C LEU A 328 41.15 0.89 0.60
N GLY A 329 40.96 -0.40 0.28
CA GLY A 329 40.71 -1.42 1.30
C GLY A 329 39.25 -1.49 1.72
N ASN A 330 38.36 -1.53 0.72
CA ASN A 330 36.93 -1.75 0.95
C ASN A 330 36.33 -2.46 -0.26
N VAL A 331 36.21 -3.77 -0.17
CA VAL A 331 35.78 -4.61 -1.29
C VAL A 331 34.34 -5.07 -1.10
N PHE A 332 33.69 -5.40 -2.20
CA PHE A 332 32.37 -6.01 -2.20
C PHE A 332 32.31 -7.04 -3.32
N ASP A 333 32.71 -8.27 -3.00
CA ASP A 333 32.69 -9.36 -3.96
C ASP A 333 31.29 -9.99 -3.97
N PRO A 334 30.59 -9.90 -5.12
CA PRO A 334 29.22 -10.41 -5.19
C PRO A 334 29.11 -11.93 -5.01
N VAL A 335 29.98 -12.68 -5.66
CA VAL A 335 29.99 -14.15 -5.53
C VAL A 335 30.27 -14.57 -4.08
N GLU A 336 31.15 -13.83 -3.40
CA GLU A 336 31.46 -14.12 -2.02
C GLU A 336 30.24 -13.88 -1.14
N LYS A 337 29.57 -12.74 -1.34
CA LYS A 337 28.39 -12.39 -0.55
C LYS A 337 27.21 -13.31 -0.87
N ALA A 338 27.13 -13.78 -2.12
CA ALA A 338 26.10 -14.72 -2.52
C ALA A 338 26.32 -16.07 -1.85
N GLU A 339 27.56 -16.54 -1.80
CA GLU A 339 27.88 -17.78 -1.09
C GLU A 339 27.61 -17.62 0.41
N GLU A 340 27.76 -16.42 0.94
CA GLU A 340 27.51 -16.15 2.36
C GLU A 340 26.02 -16.07 2.69
N PHE A 341 25.26 -15.33 1.88
CA PHE A 341 23.84 -15.05 2.19
C PHE A 341 22.84 -15.68 1.22
N GLY A 342 23.31 -16.16 0.07
CA GLY A 342 22.44 -16.69 -0.97
C GLY A 342 22.37 -15.79 -2.18
N TYR A 343 22.32 -16.42 -3.35
CA TYR A 343 22.16 -15.72 -4.62
C TYR A 343 20.84 -14.93 -4.74
N ASP A 344 19.70 -15.60 -4.58
CA ASP A 344 18.43 -14.89 -4.67
C ASP A 344 18.31 -13.75 -3.66
N ALA A 345 18.76 -14.02 -2.44
CA ALA A 345 18.70 -13.04 -1.35
C ALA A 345 19.54 -11.82 -1.65
N LEU A 346 20.74 -12.05 -2.18
CA LEU A 346 21.62 -10.97 -2.59
C LEU A 346 21.01 -10.15 -3.72
N LYS A 347 20.36 -10.81 -4.67
CA LYS A 347 19.73 -10.13 -5.78
C LYS A 347 18.56 -9.30 -5.28
N TYR A 348 17.80 -9.88 -4.35
CA TYR A 348 16.69 -9.16 -3.71
C TYR A 348 17.20 -7.91 -3.05
N PHE A 349 18.28 -8.04 -2.30
CA PHE A 349 18.80 -6.92 -1.55
C PHE A 349 19.20 -5.77 -2.48
N LEU A 350 19.97 -6.08 -3.52
CA LEU A 350 20.46 -5.05 -4.42
C LEU A 350 19.32 -4.35 -5.14
N LEU A 351 18.26 -5.10 -5.44
CA LEU A 351 17.11 -4.56 -6.14
C LEU A 351 16.15 -3.85 -5.20
N ARG A 352 16.13 -4.25 -3.94
CA ARG A 352 15.24 -3.66 -2.96
C ARG A 352 15.85 -2.42 -2.32
N GLU A 353 17.14 -2.47 -2.01
CA GLU A 353 17.78 -1.46 -1.18
C GLU A 353 17.91 -0.11 -1.87
N SER A 354 18.17 -0.12 -3.17
CA SER A 354 18.32 1.13 -3.92
C SER A 354 17.36 1.25 -5.09
N GLY A 355 16.81 2.45 -5.23
CA GLY A 355 16.08 2.82 -6.43
C GLY A 355 17.03 3.44 -7.42
N PHE A 356 16.61 3.51 -8.68
CA PHE A 356 17.49 4.01 -9.74
CA PHE A 356 17.47 4.04 -9.77
C PHE A 356 17.86 5.50 -9.56
N SER A 357 17.06 6.24 -8.79
CA SER A 357 17.33 7.65 -8.51
C SER A 357 18.49 7.82 -7.54
N ASP A 358 18.87 6.75 -6.86
CA ASP A 358 19.73 6.86 -5.69
C ASP A 358 21.04 6.12 -5.89
N ASP A 359 22.00 6.42 -5.02
CA ASP A 359 23.23 5.65 -4.93
C ASP A 359 23.07 4.73 -3.72
N GLY A 360 23.00 3.43 -3.98
CA GLY A 360 22.76 2.43 -2.94
C GLY A 360 23.88 2.28 -1.92
N ASP A 361 23.56 1.63 -0.80
CA ASP A 361 24.55 1.37 0.25
C ASP A 361 24.38 0.00 0.92
N TYR A 362 25.27 -0.92 0.58
CA TYR A 362 25.35 -2.21 1.26
C TYR A 362 26.00 -2.05 2.64
N SER A 363 25.53 -2.85 3.58
CA SER A 363 26.28 -3.19 4.78
C SER A 363 25.78 -4.55 5.19
N ASP A 364 26.60 -5.32 5.89
CA ASP A 364 26.15 -6.63 6.37
C ASP A 364 24.94 -6.47 7.29
N LYS A 365 24.95 -5.40 8.10
CA LYS A 365 23.86 -5.11 9.03
C LYS A 365 22.52 -4.98 8.30
N ASN A 366 22.50 -4.13 7.27
N ASN A 366 22.48 -4.14 7.27
CA ASN A 366 21.28 -3.86 6.50
CA ASN A 366 21.23 -3.90 6.53
C ASN A 366 20.86 -5.05 5.65
C ASN A 366 20.84 -5.08 5.65
N MET A 367 21.83 -5.80 5.14
CA MET A 367 21.58 -7.01 4.36
C MET A 367 20.94 -8.09 5.24
N ILE A 368 21.42 -8.21 6.47
CA ILE A 368 20.87 -9.20 7.41
C ILE A 368 19.46 -8.79 7.88
N ALA A 369 19.25 -7.48 8.03
CA ALA A 369 17.95 -6.97 8.42
C ALA A 369 16.88 -7.31 7.37
N ARG A 370 17.18 -7.10 6.09
CA ARG A 370 16.21 -7.41 5.03
C ARG A 370 16.00 -8.91 4.84
N LEU A 371 17.08 -9.67 4.89
CA LEU A 371 17.02 -11.12 4.80
C LEU A 371 16.13 -11.70 5.93
N ASN A 372 16.38 -11.28 7.16
CA ASN A 372 15.59 -11.73 8.31
C ASN A 372 14.19 -11.14 8.32
N GLY A 373 14.10 -9.83 8.12
CA GLY A 373 12.83 -9.13 8.18
C GLY A 373 11.89 -9.48 7.06
N GLU A 374 12.35 -9.35 5.82
CA GLU A 374 11.45 -9.49 4.67
C GLU A 374 11.44 -10.91 4.11
N LEU A 375 12.59 -11.49 3.84
CA LEU A 375 12.63 -12.80 3.20
C LEU A 375 12.21 -13.91 4.15
N ALA A 376 12.72 -13.89 5.38
CA ALA A 376 12.44 -14.94 6.34
C ALA A 376 11.14 -14.68 7.11
N ASP A 377 11.04 -13.55 7.82
CA ASP A 377 9.87 -13.28 8.68
C ASP A 377 8.60 -13.04 7.90
N THR A 378 8.70 -12.38 6.74
CA THR A 378 7.50 -12.02 5.99
C THR A 378 7.15 -13.11 4.99
N LEU A 379 7.98 -13.29 3.97
CA LEU A 379 7.72 -14.29 2.92
C LEU A 379 7.84 -15.73 3.44
N GLY A 380 9.02 -16.10 3.93
CA GLY A 380 9.30 -17.47 4.30
C GLY A 380 8.36 -18.01 5.36
N ASN A 381 8.11 -17.21 6.39
CA ASN A 381 7.23 -17.61 7.49
C ASN A 381 5.82 -17.96 7.00
N LEU A 382 5.36 -17.19 6.03
CA LEU A 382 4.02 -17.34 5.46
C LEU A 382 3.89 -18.62 4.66
N VAL A 383 4.95 -18.96 3.92
CA VAL A 383 4.99 -20.18 3.12
C VAL A 383 4.97 -21.43 4.00
N MET A 384 5.69 -21.39 5.12
CA MET A 384 5.71 -22.52 6.05
C MET A 384 4.33 -22.67 6.72
N ARG A 385 3.72 -21.56 7.11
CA ARG A 385 2.41 -21.61 7.78
C ARG A 385 1.33 -22.27 6.93
N CYS A 386 1.20 -21.87 5.66
CA CYS A 386 0.12 -22.39 4.83
C CYS A 386 0.40 -23.79 4.29
N THR A 387 1.64 -24.26 4.43
CA THR A 387 1.98 -25.62 4.02
C THR A 387 2.20 -26.57 5.19
N SER A 388 2.14 -26.03 6.41
CA SER A 388 2.36 -26.80 7.63
C SER A 388 1.32 -27.88 7.80
N ALA A 389 1.78 -29.09 8.15
CA ALA A 389 0.89 -30.22 8.44
C ALA A 389 0.01 -29.93 9.66
N LYS A 390 0.52 -29.14 10.60
CA LYS A 390 -0.23 -28.70 11.75
C LYS A 390 -1.47 -27.88 11.36
N ILE A 391 -1.32 -27.02 10.36
CA ILE A 391 -2.41 -26.13 9.92
C ILE A 391 -3.15 -26.69 8.71
N ASN A 392 -2.42 -26.98 7.64
CA ASN A 392 -2.97 -27.58 6.44
C ASN A 392 -2.91 -29.09 6.60
N VAL A 393 -3.90 -29.67 7.28
CA VAL A 393 -3.82 -31.06 7.76
C VAL A 393 -3.96 -32.11 6.67
N ASN A 394 -4.60 -31.76 5.55
CA ASN A 394 -4.77 -32.69 4.43
C ASN A 394 -3.76 -32.51 3.31
N GLY A 395 -2.82 -31.58 3.50
CA GLY A 395 -1.78 -31.30 2.50
C GLY A 395 -2.33 -30.99 1.13
N GLU A 396 -3.40 -30.19 1.09
CA GLU A 396 -4.02 -29.79 -0.18
C GLU A 396 -4.48 -28.34 -0.14
N TRP A 397 -4.89 -27.84 -1.31
CA TRP A 397 -5.55 -26.55 -1.43
C TRP A 397 -7.02 -26.78 -1.10
N PRO A 398 -7.52 -26.21 0.02
CA PRO A 398 -8.90 -26.46 0.33
C PRO A 398 -9.85 -25.68 -0.55
N SER A 399 -11.12 -26.07 -0.51
CA SER A 399 -12.16 -25.36 -1.18
C SER A 399 -12.69 -24.26 -0.24
N PRO A 400 -12.66 -22.99 -0.66
CA PRO A 400 -13.11 -21.92 0.24
C PRO A 400 -14.60 -21.99 0.52
N ALA A 401 -14.98 -21.64 1.75
CA ALA A 401 -16.38 -21.37 2.09
C ALA A 401 -16.68 -19.89 1.84
N ALA A 402 -17.77 -19.38 2.39
CA ALA A 402 -18.16 -17.98 2.16
C ALA A 402 -17.14 -16.98 2.71
N TYR A 403 -16.90 -15.93 1.95
CA TYR A 403 -15.90 -14.93 2.29
C TYR A 403 -16.52 -13.83 3.16
N THR A 404 -15.85 -13.49 4.26
CA THR A 404 -16.21 -12.32 5.05
C THR A 404 -15.72 -11.06 4.35
N GLU A 405 -16.15 -9.91 4.85
CA GLU A 405 -15.67 -8.64 4.27
C GLU A 405 -14.16 -8.47 4.44
N GLU A 406 -13.62 -8.99 5.53
CA GLU A 406 -12.18 -8.96 5.76
C GLU A 406 -11.45 -9.85 4.75
N ASP A 407 -11.98 -11.05 4.51
CA ASP A 407 -11.47 -11.92 3.47
C ASP A 407 -11.40 -11.15 2.15
N GLU A 408 -12.50 -10.49 1.81
CA GLU A 408 -12.58 -9.83 0.52
C GLU A 408 -11.68 -8.62 0.41
N SER A 409 -11.38 -7.97 1.53
CA SER A 409 -10.46 -6.84 1.49
C SER A 409 -9.10 -7.39 1.07
N LEU A 410 -8.72 -8.54 1.60
CA LEU A 410 -7.43 -9.14 1.26
C LEU A 410 -7.40 -9.63 -0.19
N ILE A 411 -8.46 -10.32 -0.60
CA ILE A 411 -8.60 -10.79 -1.98
C ILE A 411 -8.48 -9.61 -2.95
N GLN A 412 -9.05 -8.47 -2.60
CA GLN A 412 -8.96 -7.30 -3.44
C GLN A 412 -7.51 -6.87 -3.66
N LEU A 413 -6.74 -6.82 -2.58
CA LEU A 413 -5.33 -6.44 -2.67
C LEU A 413 -4.58 -7.38 -3.58
N ILE A 414 -4.90 -8.67 -3.48
CA ILE A 414 -4.24 -9.70 -4.26
C ILE A 414 -4.64 -9.59 -5.73
N LYS A 415 -5.91 -9.31 -5.99
CA LYS A 415 -6.40 -9.14 -7.35
C LYS A 415 -5.78 -7.93 -8.03
N ASP A 416 -5.52 -6.88 -7.26
CA ASP A 416 -4.97 -5.65 -7.82
C ASP A 416 -3.44 -5.67 -7.97
N LEU A 417 -2.80 -6.59 -7.27
CA LEU A 417 -1.34 -6.62 -7.22
C LEU A 417 -0.69 -6.77 -8.60
N PRO A 418 -1.17 -7.73 -9.43
CA PRO A 418 -0.51 -7.89 -10.74
C PRO A 418 -0.51 -6.62 -11.59
N GLY A 419 -1.66 -5.97 -11.72
CA GLY A 419 -1.74 -4.71 -12.48
C GLY A 419 -0.74 -3.67 -12.01
N THR A 420 -0.56 -3.61 -10.69
CA THR A 420 0.28 -2.62 -10.04
C THR A 420 1.75 -2.93 -10.23
N ALA A 421 2.12 -4.18 -9.96
CA ALA A 421 3.49 -4.67 -10.18
C ALA A 421 3.89 -4.59 -11.65
N ASP A 422 2.96 -4.89 -12.54
CA ASP A 422 3.18 -4.82 -13.98
C ASP A 422 3.60 -3.42 -14.38
N HIS A 423 2.79 -2.43 -14.02
CA HIS A 423 3.12 -1.05 -14.37
C HIS A 423 4.52 -0.67 -13.85
N TYR A 424 4.86 -1.09 -12.65
CA TYR A 424 6.18 -0.77 -12.08
C TYR A 424 7.31 -1.45 -12.87
N TYR A 425 7.13 -2.71 -13.25
CA TYR A 425 8.12 -3.42 -14.07
C TYR A 425 8.31 -2.77 -15.45
N LEU A 426 7.29 -2.09 -15.95
CA LEU A 426 7.34 -1.50 -17.29
C LEU A 426 7.88 -0.08 -17.32
N ILE A 427 8.07 0.53 -16.16
CA ILE A 427 8.65 1.87 -16.13
C ILE A 427 10.06 1.92 -16.72
N PRO A 428 10.99 1.07 -16.24
CA PRO A 428 10.92 0.08 -15.18
C PRO A 428 11.42 0.61 -13.82
N ASP A 429 10.80 0.16 -12.74
CA ASP A 429 11.14 0.54 -11.38
C ASP A 429 10.99 -0.69 -10.50
N ILE A 430 12.05 -1.50 -10.46
CA ILE A 430 11.99 -2.82 -9.85
C ILE A 430 11.80 -2.71 -8.34
N GLN A 431 12.41 -1.70 -7.73
CA GLN A 431 12.23 -1.45 -6.32
C GLN A 431 10.75 -1.29 -5.97
N LYS A 432 10.04 -0.42 -6.69
CA LYS A 432 8.64 -0.18 -6.38
C LYS A 432 7.81 -1.45 -6.58
N ALA A 433 8.14 -2.25 -7.59
CA ALA A 433 7.43 -3.51 -7.83
C ALA A 433 7.59 -4.45 -6.63
N ILE A 434 8.82 -4.55 -6.13
CA ILE A 434 9.11 -5.39 -4.98
C ILE A 434 8.36 -4.88 -3.76
N ILE A 435 8.39 -3.57 -3.56
CA ILE A 435 7.71 -2.97 -2.43
C ILE A 435 6.22 -3.27 -2.52
N ALA A 436 5.66 -3.20 -3.73
CA ALA A 436 4.23 -3.49 -3.89
C ALA A 436 3.91 -4.94 -3.50
N VAL A 437 4.70 -5.89 -3.98
CA VAL A 437 4.46 -7.30 -3.65
C VAL A 437 4.55 -7.51 -2.13
N PHE A 438 5.57 -6.94 -1.51
CA PHE A 438 5.72 -7.13 -0.08
C PHE A 438 4.69 -6.38 0.77
N ASP A 439 4.09 -5.32 0.22
CA ASP A 439 2.95 -4.69 0.91
C ASP A 439 1.81 -5.69 1.02
N VAL A 440 1.60 -6.47 -0.05
CA VAL A 440 0.55 -7.49 -0.06
C VAL A 440 0.93 -8.66 0.86
N LEU A 441 2.21 -9.02 0.88
CA LEU A 441 2.68 -10.07 1.79
C LEU A 441 2.49 -9.70 3.25
N ARG A 442 2.78 -8.45 3.61
CA ARG A 442 2.55 -7.97 4.97
C ARG A 442 1.05 -8.06 5.33
N ALA A 443 0.19 -7.67 4.39
CA ALA A 443 -1.26 -7.79 4.59
C ALA A 443 -1.74 -9.24 4.76
N ILE A 444 -1.11 -10.18 4.06
CA ILE A 444 -1.47 -11.57 4.23
C ILE A 444 -1.05 -12.04 5.62
N ASN A 445 0.12 -11.62 6.09
CA ASN A 445 0.56 -12.00 7.44
C ASN A 445 -0.36 -11.47 8.53
N ALA A 446 -0.75 -10.20 8.38
CA ALA A 446 -1.65 -9.57 9.34
C ALA A 446 -2.98 -10.32 9.39
N TYR A 447 -3.49 -10.68 8.22
CA TYR A 447 -4.72 -11.47 8.12
C TYR A 447 -4.62 -12.82 8.84
N VAL A 448 -3.49 -13.50 8.66
CA VAL A 448 -3.27 -14.82 9.25
C VAL A 448 -3.15 -14.71 10.77
N THR A 449 -2.40 -13.72 11.22
CA THR A 449 -2.32 -13.38 12.64
C THR A 449 -3.72 -13.09 13.18
N ASP A 450 -4.52 -12.37 12.42
CA ASP A 450 -5.86 -12.01 12.82
C ASP A 450 -6.77 -13.22 12.94
N MET A 451 -6.67 -14.15 12.00
CA MET A 451 -7.55 -15.32 11.94
C MET A 451 -7.08 -16.52 12.76
N ALA A 452 -5.80 -16.56 13.09
CA ALA A 452 -5.25 -17.64 13.94
C ALA A 452 -5.65 -19.04 13.46
N PRO A 453 -5.30 -19.39 12.21
CA PRO A 453 -5.71 -20.66 11.62
C PRO A 453 -5.31 -21.88 12.44
N TRP A 454 -4.21 -21.78 13.20
CA TRP A 454 -3.80 -22.83 14.12
C TRP A 454 -4.89 -23.11 15.17
N LYS A 455 -5.57 -22.07 15.63
CA LYS A 455 -6.72 -22.25 16.52
C LYS A 455 -7.95 -22.78 15.78
N LEU A 456 -8.11 -22.42 14.51
CA LEU A 456 -9.27 -22.83 13.72
C LEU A 456 -9.30 -24.33 13.44
N VAL A 457 -8.12 -24.95 13.36
CA VAL A 457 -8.01 -26.38 13.07
C VAL A 457 -8.88 -27.23 13.97
N LYS A 458 -8.91 -26.88 15.26
CA LYS A 458 -9.69 -27.59 16.27
C LYS A 458 -11.10 -27.01 16.41
N THR A 459 -11.21 -25.69 16.25
CA THR A 459 -12.42 -24.95 16.57
C THR A 459 -13.41 -24.84 15.40
N ASP A 460 -12.91 -24.58 14.20
CA ASP A 460 -13.77 -24.29 13.06
C ASP A 460 -13.12 -24.66 11.71
N PRO A 461 -13.15 -25.96 11.37
CA PRO A 461 -12.49 -26.41 10.13
C PRO A 461 -13.05 -25.78 8.86
N GLU A 462 -14.34 -25.45 8.85
CA GLU A 462 -14.97 -24.84 7.69
C GLU A 462 -14.43 -23.43 7.44
N ARG A 463 -14.23 -22.68 8.52
CA ARG A 463 -13.62 -21.36 8.44
C ARG A 463 -12.15 -21.44 8.02
N LEU A 464 -11.43 -22.45 8.51
CA LEU A 464 -10.04 -22.67 8.13
C LEU A 464 -9.85 -22.90 6.64
N ARG A 465 -10.80 -23.56 5.99
CA ARG A 465 -10.75 -23.77 4.54
C ARG A 465 -10.63 -22.44 3.80
N THR A 466 -11.39 -21.45 4.23
CA THR A 466 -11.40 -20.14 3.60
C THR A 466 -10.08 -19.39 3.85
N VAL A 467 -9.70 -19.29 5.11
CA VAL A 467 -8.47 -18.61 5.52
C VAL A 467 -7.28 -19.23 4.78
N LEU A 468 -7.21 -20.55 4.80
CA LEU A 468 -6.11 -21.30 4.20
C LEU A 468 -6.04 -21.18 2.68
N TYR A 469 -7.19 -21.20 2.03
CA TYR A 469 -7.24 -21.03 0.60
C TYR A 469 -6.79 -19.63 0.17
N ILE A 470 -7.27 -18.60 0.85
CA ILE A 470 -6.86 -17.23 0.53
C ILE A 470 -5.36 -17.08 0.73
N THR A 471 -4.85 -17.60 1.84
CA THR A 471 -3.42 -17.50 2.14
C THR A 471 -2.56 -18.16 1.05
N LEU A 472 -2.93 -19.39 0.68
CA LEU A 472 -2.20 -20.12 -0.36
C LEU A 472 -2.19 -19.34 -1.68
N GLU A 473 -3.31 -18.72 -2.00
CA GLU A 473 -3.46 -18.03 -3.26
C GLU A 473 -2.73 -16.68 -3.26
N GLY A 474 -2.67 -16.01 -2.13
CA GLY A 474 -1.85 -14.82 -1.99
C GLY A 474 -0.37 -15.13 -2.14
N VAL A 475 0.08 -16.21 -1.53
CA VAL A 475 1.47 -16.62 -1.64
C VAL A 475 1.85 -16.94 -3.09
N ARG A 476 0.98 -17.70 -3.77
CA ARG A 476 1.22 -18.07 -5.15
C ARG A 476 1.37 -16.83 -6.03
N VAL A 477 0.45 -15.88 -5.89
CA VAL A 477 0.46 -14.70 -6.74
C VAL A 477 1.66 -13.82 -6.43
N THR A 478 1.94 -13.62 -5.14
CA THR A 478 3.08 -12.80 -4.74
C THR A 478 4.37 -13.45 -5.21
N THR A 479 4.43 -14.77 -5.14
CA THR A 479 5.62 -15.52 -5.58
C THR A 479 5.83 -15.45 -7.09
N LEU A 480 4.76 -15.61 -7.85
CA LEU A 480 4.84 -15.47 -9.30
C LEU A 480 5.42 -14.12 -9.70
N LEU A 481 4.90 -13.04 -9.12
CA LEU A 481 5.39 -11.69 -9.44
C LEU A 481 6.79 -11.43 -8.90
N LEU A 482 7.20 -12.15 -7.86
CA LEU A 482 8.58 -12.07 -7.37
C LEU A 482 9.51 -13.04 -8.10
N SER A 483 8.98 -13.90 -8.97
CA SER A 483 9.81 -14.93 -9.57
C SER A 483 10.96 -14.37 -10.42
N PRO A 484 10.78 -13.18 -11.04
CA PRO A 484 11.92 -12.60 -11.76
C PRO A 484 13.05 -12.12 -10.84
N ILE A 485 12.78 -12.04 -9.55
CA ILE A 485 13.73 -11.53 -8.56
C ILE A 485 14.31 -12.64 -7.69
N LEU A 486 13.50 -13.65 -7.39
CA LEU A 486 13.95 -14.81 -6.67
C LEU A 486 13.67 -16.01 -7.56
N PRO A 487 14.41 -16.14 -8.67
CA PRO A 487 14.12 -17.23 -9.59
C PRO A 487 14.23 -18.61 -8.96
N ARG A 488 15.30 -18.89 -8.23
CA ARG A 488 15.47 -20.24 -7.67
C ARG A 488 14.49 -20.52 -6.54
N LYS A 489 14.28 -19.54 -5.66
CA LYS A 489 13.39 -19.70 -4.52
C LYS A 489 11.92 -19.73 -4.91
N SER A 490 11.55 -19.04 -5.99
CA SER A 490 10.17 -19.11 -6.45
C SER A 490 9.79 -20.55 -6.85
N VAL A 491 10.74 -21.24 -7.47
CA VAL A 491 10.53 -22.66 -7.82
C VAL A 491 10.36 -23.52 -6.58
N VAL A 492 11.14 -23.27 -5.55
CA VAL A 492 11.00 -24.05 -4.34
C VAL A 492 9.62 -23.79 -3.73
N ILE A 493 9.21 -22.54 -3.69
CA ILE A 493 7.90 -22.19 -3.15
C ILE A 493 6.79 -22.87 -3.95
N PHE A 494 6.84 -22.73 -5.27
CA PHE A 494 5.83 -23.35 -6.11
C PHE A 494 5.81 -24.87 -5.92
N ASP A 495 7.00 -25.47 -5.78
CA ASP A 495 7.10 -26.90 -5.46
C ASP A 495 6.38 -27.23 -4.16
N MET A 496 6.63 -26.43 -3.13
CA MET A 496 6.02 -26.66 -1.83
C MET A 496 4.51 -26.52 -1.90
N LEU A 497 4.03 -25.57 -2.67
CA LEU A 497 2.58 -25.39 -2.84
C LEU A 497 1.99 -26.44 -3.76
N GLY A 498 2.84 -27.11 -4.54
CA GLY A 498 2.39 -28.09 -5.50
C GLY A 498 1.69 -27.47 -6.69
N VAL A 499 2.14 -26.29 -7.07
CA VAL A 499 1.58 -25.57 -8.23
C VAL A 499 2.06 -26.27 -9.49
N PRO A 500 1.13 -26.73 -10.34
CA PRO A 500 1.58 -27.35 -11.59
C PRO A 500 2.44 -26.39 -12.41
N GLU A 501 3.35 -26.94 -13.22
CA GLU A 501 4.26 -26.14 -14.04
C GLU A 501 3.55 -25.08 -14.88
N VAL A 502 2.51 -25.50 -15.59
CA VAL A 502 1.71 -24.61 -16.45
C VAL A 502 1.23 -23.32 -15.77
N HIS A 503 0.95 -23.37 -14.47
CA HIS A 503 0.47 -22.18 -13.74
C HIS A 503 1.60 -21.31 -13.18
N ARG A 504 2.85 -21.63 -13.51
CA ARG A 504 4.00 -20.87 -13.03
C ARG A 504 4.44 -19.75 -13.98
N LYS A 505 3.74 -19.59 -15.12
CA LYS A 505 3.95 -18.44 -15.98
C LYS A 505 2.68 -18.11 -16.73
N GLY A 506 2.69 -17.02 -17.49
CA GLY A 506 1.51 -16.60 -18.24
C GLY A 506 0.62 -15.62 -17.49
N ILE A 507 0.12 -14.60 -18.19
CA ILE A 507 -0.76 -13.58 -17.61
C ILE A 507 -2.09 -14.17 -17.15
N GLU A 508 -2.49 -15.28 -17.76
CA GLU A 508 -3.62 -16.06 -17.28
C GLU A 508 -3.53 -16.33 -15.78
N ASN A 509 -2.33 -16.65 -15.31
CA ASN A 509 -2.13 -17.05 -13.92
C ASN A 509 -1.85 -15.88 -12.98
N PHE A 510 -2.00 -14.67 -13.49
CA PHE A 510 -2.07 -13.46 -12.67
C PHE A 510 -3.42 -13.38 -11.95
N GLU A 511 -4.42 -14.08 -12.45
CA GLU A 511 -5.76 -14.04 -11.89
C GLU A 511 -5.85 -14.83 -10.59
N PHE A 512 -6.63 -14.30 -9.65
CA PHE A 512 -6.92 -14.95 -8.39
C PHE A 512 -7.77 -16.18 -8.69
N GLY A 513 -7.37 -17.31 -8.11
CA GLY A 513 -8.10 -18.57 -8.25
C GLY A 513 -7.68 -19.48 -9.40
N ALA A 514 -6.49 -19.27 -9.94
CA ALA A 514 -6.03 -20.04 -11.11
C ALA A 514 -5.69 -21.51 -10.80
N VAL A 515 -5.30 -21.78 -9.56
CA VAL A 515 -5.04 -23.15 -9.11
C VAL A 515 -6.30 -23.65 -8.40
N PRO A 516 -6.83 -24.80 -8.85
CA PRO A 516 -8.07 -25.30 -8.26
C PRO A 516 -7.91 -25.94 -6.88
N PRO A 517 -8.95 -25.83 -6.04
CA PRO A 517 -9.00 -26.62 -4.81
C PRO A 517 -8.82 -28.11 -5.09
N GLY A 518 -8.20 -28.80 -4.14
CA GLY A 518 -7.91 -30.23 -4.28
C GLY A 518 -6.52 -30.50 -4.85
N THR A 519 -5.83 -29.46 -5.30
CA THR A 519 -4.44 -29.57 -5.73
C THR A 519 -3.61 -29.96 -4.51
N ARG A 520 -2.76 -30.97 -4.66
CA ARG A 520 -2.00 -31.51 -3.53
C ARG A 520 -0.71 -30.74 -3.37
N LEU A 521 -0.36 -30.43 -2.12
CA LEU A 521 0.92 -29.81 -1.84
C LEU A 521 2.06 -30.76 -2.19
N GLY A 522 3.22 -30.18 -2.51
CA GLY A 522 4.42 -30.97 -2.72
C GLY A 522 4.87 -31.57 -1.39
N PRO A 523 5.79 -32.54 -1.45
CA PRO A 523 6.19 -33.26 -0.24
C PRO A 523 7.09 -32.42 0.66
N ALA A 524 7.09 -32.74 1.96
CA ALA A 524 7.91 -32.04 2.94
C ALA A 524 9.32 -32.65 2.98
N VAL A 525 10.22 -31.99 3.71
CA VAL A 525 11.57 -32.51 3.97
C VAL A 525 11.94 -32.27 5.44
N GLU A 526 12.61 -33.26 6.05
CA GLU A 526 12.85 -33.29 7.51
C GLU A 526 13.40 -31.99 8.15
N GLY A 527 14.24 -31.26 7.42
CA GLY A 527 14.83 -30.03 7.96
C GLY A 527 14.78 -28.81 7.05
N GLU A 528 13.97 -28.86 6.00
CA GLU A 528 13.97 -27.78 5.00
C GLU A 528 13.44 -26.45 5.52
N VAL A 529 14.01 -25.38 5.00
CA VAL A 529 13.54 -24.03 5.27
C VAL A 529 14.02 -23.11 4.14
N LEU A 530 13.17 -22.16 3.77
CA LEU A 530 13.39 -21.34 2.55
C LEU A 530 14.54 -20.36 2.68
N PHE A 531 14.47 -19.52 3.71
CA PHE A 531 15.52 -18.57 4.05
C PHE A 531 15.82 -18.76 5.53
N SER A 532 17.07 -19.09 5.86
CA SER A 532 17.44 -19.28 7.25
C SER A 532 17.93 -17.94 7.80
N LYS A 533 17.51 -17.63 9.03
CA LYS A 533 17.92 -16.40 9.70
C LYS A 533 19.41 -16.44 10.02
N ARG A 534 20.10 -15.33 9.75
CA ARG A 534 21.54 -15.22 10.00
CA ARG A 534 21.53 -15.23 10.00
C ARG A 534 21.78 -14.52 11.33
N SER A 535 22.86 -14.91 12.01
CA SER A 535 23.23 -14.34 13.31
C SER A 535 23.32 -12.82 13.22
N THR A 536 22.57 -12.13 14.09
CA THR A 536 22.41 -10.68 14.01
C THR A 536 23.72 -9.91 14.31
N GLU A 537 24.53 -9.73 13.26
CA GLU A 537 25.77 -8.96 13.31
C GLU A 537 25.98 -8.24 11.98
N GLY B 1 -9.90 -3.05 -8.76
CA GLY B 1 -11.28 -3.47 -9.15
C GLY B 1 -12.38 -2.72 -8.41
N PRO B 2 -13.64 -2.90 -8.85
CA PRO B 2 -14.79 -2.19 -8.27
C PRO B 2 -15.05 -2.58 -6.83
N GLY B 3 -15.65 -1.67 -6.08
CA GLY B 3 -16.08 -1.98 -4.74
C GLY B 3 -17.46 -2.58 -4.73
N SER B 4 -18.05 -2.64 -3.55
CA SER B 4 -19.35 -3.24 -3.39
C SER B 4 -20.42 -2.27 -3.87
N MET B 5 -21.44 -2.86 -4.47
CA MET B 5 -22.66 -2.20 -4.86
C MET B 5 -23.33 -1.48 -3.68
N LYS B 6 -24.22 -0.56 -3.98
CA LYS B 6 -25.05 0.04 -2.93
C LYS B 6 -26.00 -1.00 -2.38
N VAL B 7 -26.30 -0.89 -1.09
CA VAL B 7 -27.36 -1.67 -0.48
C VAL B 7 -28.71 -1.17 -1.01
N GLU B 8 -29.70 -2.06 -1.06
CA GLU B 8 -31.06 -1.69 -1.45
C GLU B 8 -31.82 -1.00 -0.34
N LYS B 9 -31.58 -1.43 0.90
CA LYS B 9 -32.31 -0.93 2.05
C LYS B 9 -31.76 0.41 2.50
N VAL B 10 -32.29 0.95 3.59
CA VAL B 10 -31.67 2.09 4.25
C VAL B 10 -30.55 1.60 5.16
N PHE B 11 -29.35 2.09 4.94
CA PHE B 11 -28.22 1.68 5.74
C PHE B 11 -28.40 2.21 7.17
N PHE B 12 -28.37 1.31 8.13
CA PHE B 12 -28.76 1.60 9.49
C PHE B 12 -27.57 1.31 10.40
N VAL B 13 -27.00 2.38 10.94
CA VAL B 13 -25.83 2.30 11.81
C VAL B 13 -26.17 2.99 13.12
N THR B 14 -25.78 2.35 14.21
CA THR B 14 -26.16 2.82 15.53
C THR B 14 -24.92 3.01 16.38
N SER B 15 -25.05 3.86 17.38
CA SER B 15 -24.09 3.90 18.47
C SER B 15 -24.84 3.31 19.64
N PRO B 16 -24.15 3.08 20.77
CA PRO B 16 -24.88 2.63 21.92
C PRO B 16 -25.60 3.83 22.50
N ILE B 17 -26.55 3.60 23.39
CA ILE B 17 -27.19 4.69 24.09
C ILE B 17 -26.50 4.83 25.43
N TYR B 18 -26.28 6.08 25.83
CA TYR B 18 -25.35 6.40 26.90
C TYR B 18 -26.08 6.71 28.19
N TYR B 19 -25.53 6.26 29.32
CA TYR B 19 -26.20 6.41 30.61
C TYR B 19 -26.08 7.83 31.16
N VAL B 20 -27.21 8.42 31.52
CA VAL B 20 -27.24 9.82 31.91
C VAL B 20 -26.81 10.12 33.37
N ASN B 21 -26.19 9.16 34.04
CA ASN B 21 -25.62 9.43 35.36
C ASN B 21 -24.19 9.99 35.30
N ALA B 22 -23.68 10.17 34.09
CA ALA B 22 -22.41 10.88 33.87
C ALA B 22 -22.57 11.91 32.76
N ALA B 23 -21.72 12.93 32.80
CA ALA B 23 -21.64 13.91 31.72
C ALA B 23 -20.96 13.25 30.51
N PRO B 24 -21.18 13.80 29.32
CA PRO B 24 -20.53 13.21 28.15
C PRO B 24 -19.00 13.26 28.27
N HIS B 25 -18.32 12.20 27.83
CA HIS B 25 -16.86 12.11 27.89
C HIS B 25 -16.32 11.42 26.63
N ILE B 26 -15.01 11.29 26.56
CA ILE B 26 -14.32 10.82 25.34
C ILE B 26 -14.84 9.50 24.78
N GLY B 27 -15.14 8.54 25.66
CA GLY B 27 -15.78 7.28 25.28
C GLY B 27 -17.03 7.45 24.46
N HIS B 28 -17.96 8.28 24.93
CA HIS B 28 -19.21 8.51 24.21
C HIS B 28 -18.90 9.17 22.87
N VAL B 29 -18.01 10.14 22.91
CA VAL B 29 -17.63 10.92 21.74
C VAL B 29 -16.98 10.00 20.69
N TYR B 30 -16.18 9.05 21.16
CA TYR B 30 -15.49 8.12 20.28
C TYR B 30 -16.47 7.18 19.56
N SER B 31 -17.40 6.60 20.30
CA SER B 31 -18.32 5.62 19.72
C SER B 31 -19.21 6.28 18.69
N THR B 32 -19.72 7.45 19.05
CA THR B 32 -20.58 8.19 18.16
C THR B 32 -19.82 8.73 16.93
N LEU B 33 -18.54 9.07 17.08
CA LEU B 33 -17.68 9.44 15.95
C LEU B 33 -17.60 8.33 14.90
N ILE B 34 -17.36 7.11 15.37
CA ILE B 34 -17.29 5.94 14.50
C ILE B 34 -18.64 5.69 13.80
N THR B 35 -19.72 5.87 14.54
CA THR B 35 -21.08 5.75 14.01
C THR B 35 -21.29 6.80 12.93
N ASP B 36 -20.89 8.03 13.23
CA ASP B 36 -21.06 9.14 12.31
C ASP B 36 -20.29 8.93 11.02
N VAL B 37 -19.08 8.39 11.17
CA VAL B 37 -18.18 8.18 10.05
C VAL B 37 -18.71 7.11 9.12
N ILE B 38 -19.09 5.98 9.69
CA ILE B 38 -19.69 4.92 8.91
C ILE B 38 -20.90 5.50 8.18
N GLY B 39 -21.75 6.19 8.91
CA GLY B 39 -22.89 6.89 8.34
C GLY B 39 -22.52 7.76 7.15
N ARG B 40 -21.50 8.59 7.31
CA ARG B 40 -21.09 9.52 6.29
C ARG B 40 -20.58 8.79 5.07
N TYR B 41 -19.80 7.72 5.27
CA TYR B 41 -19.26 7.01 4.14
C TYR B 41 -20.37 6.55 3.22
N HIS B 42 -21.40 5.98 3.83
CA HIS B 42 -22.48 5.41 3.05
C HIS B 42 -23.35 6.51 2.42
N ARG B 43 -23.49 7.65 3.09
CA ARG B 43 -24.14 8.82 2.47
C ARG B 43 -23.35 9.32 1.25
N VAL B 44 -22.02 9.33 1.33
CA VAL B 44 -21.18 9.73 0.20
C VAL B 44 -21.23 8.68 -0.92
N LYS B 45 -21.40 7.42 -0.56
CA LYS B 45 -21.53 6.36 -1.54
C LYS B 45 -22.83 6.50 -2.33
N GLY B 46 -23.79 7.25 -1.77
CA GLY B 46 -25.07 7.53 -2.41
C GLY B 46 -26.20 6.66 -1.92
N GLU B 47 -26.05 6.10 -0.71
CA GLU B 47 -27.06 5.26 -0.09
C GLU B 47 -27.95 6.10 0.81
N ARG B 48 -29.17 5.62 1.02
CA ARG B 48 -30.02 6.15 2.07
C ARG B 48 -29.47 5.68 3.40
N VAL B 49 -29.33 6.61 4.35
CA VAL B 49 -28.73 6.31 5.63
C VAL B 49 -29.59 6.78 6.78
N PHE B 50 -29.65 5.96 7.82
CA PHE B 50 -30.21 6.37 9.10
C PHE B 50 -29.21 6.04 10.20
N ALA B 51 -28.61 7.07 10.78
CA ALA B 51 -27.67 6.91 11.89
C ALA B 51 -28.33 7.31 13.20
N LEU B 52 -28.17 6.47 14.21
CA LEU B 52 -28.89 6.60 15.45
C LEU B 52 -27.91 6.60 16.61
N THR B 53 -28.20 7.46 17.57
CA THR B 53 -27.48 7.50 18.83
C THR B 53 -28.52 7.84 19.88
N GLY B 54 -28.14 7.92 21.14
CA GLY B 54 -29.11 8.35 22.13
C GLY B 54 -28.73 8.07 23.56
N THR B 55 -29.74 8.00 24.41
CA THR B 55 -29.52 8.13 25.82
C THR B 55 -30.40 7.15 26.64
N ASP B 56 -29.75 6.44 27.55
CA ASP B 56 -30.36 5.42 28.43
C ASP B 56 -30.70 6.12 29.74
N GLU B 57 -31.99 6.23 30.05
CA GLU B 57 -32.45 7.20 31.05
C GLU B 57 -33.12 6.64 32.32
N HIS B 58 -33.35 5.33 32.37
CA HIS B 58 -34.05 4.72 33.50
C HIS B 58 -33.10 4.13 34.54
N GLY B 59 -33.67 3.65 35.65
CA GLY B 59 -32.91 2.89 36.62
C GLY B 59 -32.66 3.61 37.93
N GLN B 60 -32.28 2.84 38.94
CA GLN B 60 -32.10 3.35 40.28
C GLN B 60 -31.02 4.42 40.38
N LYS B 61 -29.96 4.31 39.57
CA LYS B 61 -28.84 5.22 39.67
C LYS B 61 -29.15 6.61 39.14
N VAL B 62 -29.98 6.68 38.11
CA VAL B 62 -30.45 7.94 37.57
C VAL B 62 -31.35 8.62 38.59
N ALA B 63 -32.27 7.85 39.18
CA ALA B 63 -33.17 8.40 40.19
C ALA B 63 -32.39 8.89 41.42
N GLU B 64 -31.37 8.15 41.83
CA GLU B 64 -30.51 8.56 42.94
C GLU B 64 -29.73 9.85 42.61
N ALA B 65 -29.25 9.96 41.37
CA ALA B 65 -28.52 11.15 40.92
C ALA B 65 -29.39 12.40 40.94
N ALA B 66 -30.62 12.26 40.45
CA ALA B 66 -31.60 13.35 40.46
C ALA B 66 -31.95 13.75 41.89
N LYS B 67 -32.04 12.78 42.80
CA LYS B 67 -32.33 13.07 44.20
C LYS B 67 -31.24 13.93 44.84
N GLN B 68 -29.98 13.57 44.61
CA GLN B 68 -28.85 14.32 45.16
C GLN B 68 -28.85 15.74 44.59
N LYS B 69 -29.17 15.89 43.31
CA LYS B 69 -29.30 17.21 42.68
C LYS B 69 -30.57 17.98 43.09
N GLN B 70 -31.48 17.29 43.78
CA GLN B 70 -32.73 17.87 44.29
C GLN B 70 -33.69 18.32 43.17
N VAL B 71 -33.73 17.54 42.10
CA VAL B 71 -34.65 17.77 40.96
C VAL B 71 -35.38 16.48 40.63
N SER B 72 -36.44 16.56 39.83
CA SER B 72 -37.15 15.33 39.46
C SER B 72 -36.30 14.49 38.49
N PRO B 73 -36.51 13.17 38.48
CA PRO B 73 -35.76 12.36 37.50
C PRO B 73 -36.04 12.78 36.05
N TYR B 74 -37.25 13.26 35.75
CA TYR B 74 -37.61 13.68 34.40
C TYR B 74 -36.90 14.99 33.99
N ASP B 75 -36.74 15.91 34.92
CA ASP B 75 -35.98 17.13 34.65
C ASP B 75 -34.48 16.84 34.52
N PHE B 76 -33.99 15.97 35.39
CA PHE B 76 -32.60 15.55 35.37
C PHE B 76 -32.23 14.93 34.02
N THR B 77 -33.01 13.95 33.58
CA THR B 77 -32.70 13.23 32.37
C THR B 77 -32.85 14.13 31.16
N THR B 78 -33.82 15.04 31.17
CA THR B 78 -33.99 15.99 30.08
C THR B 78 -32.77 16.90 29.99
N ALA B 79 -32.26 17.31 31.15
CA ALA B 79 -31.10 18.19 31.22
C ALA B 79 -29.83 17.52 30.67
N VAL B 80 -29.57 16.29 31.13
CA VAL B 80 -28.37 15.58 30.75
C VAL B 80 -28.45 15.14 29.30
N ALA B 81 -29.62 14.72 28.86
CA ALA B 81 -29.80 14.40 27.45
C ALA B 81 -29.42 15.61 26.58
N GLY B 82 -29.79 16.80 27.06
CA GLY B 82 -29.42 18.05 26.42
C GLY B 82 -27.92 18.26 26.34
N GLU B 83 -27.20 17.90 27.39
CA GLU B 83 -25.73 17.96 27.40
C GLU B 83 -25.14 17.08 26.31
N PHE B 84 -25.69 15.89 26.16
CA PHE B 84 -25.22 14.96 25.15
C PHE B 84 -25.53 15.50 23.75
N LYS B 85 -26.76 15.97 23.54
CA LYS B 85 -27.14 16.55 22.25
C LYS B 85 -26.22 17.70 21.88
N LYS B 86 -25.91 18.55 22.86
CA LYS B 86 -25.06 19.70 22.63
C LYS B 86 -23.64 19.27 22.33
N CAS B 87 -23.18 18.19 22.97
CA CAS B 87 -21.82 17.69 22.76
CB CAS B 87 -21.53 16.54 23.71
C CAS B 87 -21.66 17.28 21.33
O CAS B 87 -20.68 17.66 20.66
SG CAS B 87 -19.94 15.82 23.43
AS CAS B 87 -18.57 17.18 24.54
CE1 CAS B 87 -19.55 18.63 25.51
CE2 CAS B 87 -17.52 16.14 25.89
N PHE B 88 -22.62 16.53 20.82
CA PHE B 88 -22.58 16.01 19.47
C PHE B 88 -22.82 17.08 18.40
N GLU B 89 -23.47 18.18 18.77
CA GLU B 89 -23.54 19.33 17.86
C GLU B 89 -22.16 19.99 17.80
N GLN B 90 -21.57 20.23 18.96
CA GLN B 90 -20.22 20.82 19.02
C GLN B 90 -19.20 19.99 18.24
N MET B 91 -19.27 18.67 18.38
CA MET B 91 -18.41 17.76 17.62
C MET B 91 -18.76 17.67 16.13
N ASP B 92 -19.86 18.27 15.71
CA ASP B 92 -20.19 18.39 14.29
C ASP B 92 -20.45 17.02 13.67
N TYR B 93 -21.28 16.24 14.34
CA TYR B 93 -21.72 14.97 13.80
C TYR B 93 -22.97 15.15 12.93
N SER B 94 -23.31 14.12 12.19
CA SER B 94 -24.48 14.15 11.33
C SER B 94 -25.32 12.91 11.63
N ILE B 95 -25.74 12.80 12.90
CA ILE B 95 -26.59 11.72 13.34
C ILE B 95 -28.03 12.10 13.03
N ASP B 96 -28.79 11.16 12.50
CA ASP B 96 -30.15 11.43 12.02
C ASP B 96 -31.20 11.48 13.13
N TYR B 97 -31.06 10.66 14.15
CA TYR B 97 -32.00 10.70 15.26
C TYR B 97 -31.34 10.43 16.61
N PHE B 98 -31.79 11.17 17.62
CA PHE B 98 -31.31 11.04 18.97
C PHE B 98 -32.47 10.48 19.80
N ILE B 99 -32.34 9.22 20.21
CA ILE B 99 -33.41 8.53 20.91
C ILE B 99 -33.21 8.64 22.41
N ARG B 100 -34.31 8.77 23.14
CA ARG B 100 -34.28 8.77 24.60
C ARG B 100 -35.24 7.69 25.07
N THR B 101 -34.80 6.86 26.01
CA THR B 101 -35.64 5.74 26.46
C THR B 101 -36.85 6.19 27.26
N THR B 102 -36.90 7.46 27.67
CA THR B 102 -38.10 8.04 28.29
C THR B 102 -39.19 8.30 27.25
N ASN B 103 -38.84 8.25 25.98
CA ASN B 103 -39.80 8.46 24.89
C ASN B 103 -40.94 7.45 24.91
N GLU B 104 -42.15 7.94 24.69
CA GLU B 104 -43.35 7.11 24.76
C GLU B 104 -43.38 6.01 23.72
N GLN B 105 -42.87 6.30 22.53
CA GLN B 105 -42.87 5.32 21.44
C GLN B 105 -41.95 4.19 21.80
N HIS B 106 -40.81 4.52 22.39
CA HIS B 106 -39.89 3.50 22.84
C HIS B 106 -40.56 2.56 23.85
N LYS B 107 -41.33 3.13 24.77
CA LYS B 107 -42.00 2.32 25.77
C LYS B 107 -43.04 1.42 25.12
N ALA B 108 -43.71 1.93 24.08
CA ALA B 108 -44.64 1.10 23.29
C ALA B 108 -43.94 -0.12 22.67
N VAL B 109 -42.76 0.11 22.11
CA VAL B 109 -42.01 -0.93 21.42
C VAL B 109 -41.50 -1.98 22.43
N VAL B 110 -41.01 -1.49 23.58
CA VAL B 110 -40.51 -2.35 24.64
C VAL B 110 -41.60 -3.27 25.16
N LYS B 111 -42.80 -2.74 25.35
CA LYS B 111 -43.94 -3.55 25.80
C LYS B 111 -44.38 -4.55 24.74
N GLU B 112 -44.31 -4.12 23.49
CA GLU B 112 -44.65 -4.95 22.35
C GLU B 112 -43.67 -6.12 22.23
N LEU B 113 -42.38 -5.84 22.43
CA LEU B 113 -41.36 -6.88 22.37
C LEU B 113 -41.46 -7.82 23.56
N TRP B 114 -41.58 -7.24 24.75
CA TRP B 114 -41.80 -7.99 25.96
C TRP B 114 -42.94 -8.97 25.78
N THR B 115 -44.08 -8.46 25.32
CA THR B 115 -45.29 -9.26 25.21
C THR B 115 -45.07 -10.44 24.27
N LYS B 116 -44.42 -10.19 23.15
CA LYS B 116 -44.10 -11.26 22.19
C LYS B 116 -43.30 -12.37 22.86
N LEU B 117 -42.25 -11.97 23.58
CA LEU B 117 -41.37 -12.94 24.23
C LEU B 117 -42.08 -13.73 25.30
N GLU B 118 -42.98 -13.08 26.02
CA GLU B 118 -43.77 -13.73 27.05
C GLU B 118 -44.74 -14.70 26.40
N GLN B 119 -45.32 -14.31 25.27
CA GLN B 119 -46.27 -15.18 24.57
C GLN B 119 -45.61 -16.41 23.93
N LYS B 120 -44.38 -16.24 23.45
CA LYS B 120 -43.59 -17.37 22.95
C LYS B 120 -43.20 -18.36 24.04
N GLY B 121 -43.35 -17.99 25.31
CA GLY B 121 -42.87 -18.80 26.42
C GLY B 121 -41.41 -18.57 26.76
N ASP B 122 -40.80 -17.55 26.15
CA ASP B 122 -39.38 -17.28 26.35
C ASP B 122 -39.11 -16.39 27.57
N ILE B 123 -40.14 -15.67 28.05
CA ILE B 123 -40.12 -15.04 29.37
C ILE B 123 -41.15 -15.72 30.26
N TYR B 124 -40.79 -15.97 31.52
CA TYR B 124 -41.68 -16.61 32.46
C TYR B 124 -41.52 -15.99 33.86
N LEU B 125 -42.51 -16.18 34.72
CA LEU B 125 -42.53 -15.59 36.04
C LEU B 125 -42.30 -16.67 37.10
N GLY B 126 -41.41 -16.41 38.04
CA GLY B 126 -41.11 -17.39 39.08
C GLY B 126 -40.66 -16.71 40.36
N ARG B 127 -40.82 -17.39 41.48
CA ARG B 127 -40.34 -16.85 42.74
C ARG B 127 -38.86 -17.14 42.86
N TYR B 128 -38.06 -16.10 43.06
CA TYR B 128 -36.63 -16.24 43.31
C TYR B 128 -36.36 -16.18 44.81
N GLU B 129 -35.57 -17.12 45.32
CA GLU B 129 -35.12 -17.11 46.72
C GLU B 129 -33.59 -17.16 46.72
N GLY B 130 -32.95 -16.13 47.24
CA GLY B 130 -31.49 -16.09 47.25
C GLY B 130 -30.91 -14.70 47.46
N TRP B 131 -29.63 -14.55 47.12
CA TRP B 131 -28.91 -13.31 47.39
C TRP B 131 -29.03 -12.32 46.24
N TYR B 132 -29.06 -11.04 46.60
CA TYR B 132 -29.12 -9.96 45.63
C TYR B 132 -28.28 -8.79 46.15
N SER B 133 -27.39 -8.27 45.30
CA SER B 133 -26.66 -7.03 45.60
C SER B 133 -27.43 -5.86 45.05
N ILE B 134 -27.83 -4.95 45.92
CA ILE B 134 -28.59 -3.77 45.53
C ILE B 134 -27.71 -2.83 44.70
N SER B 135 -26.47 -2.65 45.14
CA SER B 135 -25.53 -1.74 44.45
C SER B 135 -25.11 -2.23 43.07
N ASP B 136 -24.87 -3.54 42.94
CA ASP B 136 -24.47 -4.13 41.67
C ASP B 136 -25.70 -4.43 40.81
N GLU B 137 -26.89 -4.35 41.41
CA GLU B 137 -28.16 -4.61 40.73
C GLU B 137 -28.12 -6.03 40.17
N SER B 138 -27.58 -6.95 40.97
CA SER B 138 -27.26 -8.31 40.52
C SER B 138 -27.74 -9.37 41.48
N PHE B 139 -28.32 -10.43 40.93
CA PHE B 139 -28.60 -11.64 41.70
C PHE B 139 -27.29 -12.42 41.84
N LEU B 140 -27.10 -13.06 42.99
CA LEU B 140 -25.84 -13.76 43.27
C LEU B 140 -26.11 -15.13 43.90
N THR B 141 -25.31 -16.12 43.49
CA THR B 141 -25.38 -17.46 44.06
C THR B 141 -24.55 -17.53 45.35
N PRO B 142 -24.77 -18.57 46.18
CA PRO B 142 -24.00 -18.70 47.43
C PRO B 142 -22.48 -18.82 47.24
N GLN B 143 -22.02 -19.40 46.13
CA GLN B 143 -20.58 -19.52 45.85
C GLN B 143 -19.96 -18.19 45.44
N ASN B 144 -20.79 -17.23 45.02
CA ASN B 144 -20.31 -15.89 44.67
C ASN B 144 -20.36 -14.88 45.83
N ILE B 145 -20.51 -15.37 47.06
CA ILE B 145 -20.50 -14.50 48.23
C ILE B 145 -19.50 -14.96 49.29
N THR B 146 -19.10 -14.02 50.16
CA THR B 146 -18.25 -14.33 51.33
C THR B 146 -18.50 -13.29 52.43
N ASP B 147 -17.81 -13.43 53.56
CA ASP B 147 -18.03 -12.56 54.71
C ASP B 147 -17.26 -11.24 54.61
N GLY B 148 -17.78 -10.21 55.28
CA GLY B 148 -17.21 -8.87 55.24
C GLY B 148 -17.93 -7.89 56.15
N VAL B 149 -17.67 -6.60 55.94
CA VAL B 149 -18.19 -5.56 56.82
C VAL B 149 -19.16 -4.66 56.06
N ASP B 150 -20.19 -4.21 56.77
CA ASP B 150 -21.18 -3.27 56.25
C ASP B 150 -20.53 -2.05 55.60
N ASN B 154 -22.67 -4.29 61.80
CA ASN B 154 -21.66 -4.20 60.74
C ASN B 154 -21.33 -5.54 60.05
N PRO B 155 -20.93 -6.58 60.82
CA PRO B 155 -20.47 -7.83 60.19
C PRO B 155 -21.55 -8.54 59.38
N CYS B 156 -21.45 -8.48 58.05
CA CYS B 156 -22.49 -8.98 57.14
C CYS B 156 -21.92 -9.79 55.97
N LYS B 157 -22.83 -10.35 55.17
CA LYS B 157 -22.45 -11.04 53.94
C LYS B 157 -22.30 -9.99 52.83
N VAL B 158 -21.32 -10.19 51.96
CA VAL B 158 -21.03 -9.26 50.87
C VAL B 158 -20.64 -10.00 49.59
N SER B 159 -20.64 -9.28 48.48
CA SER B 159 -20.25 -9.83 47.19
C SER B 159 -18.76 -10.20 47.15
N LEU B 160 -18.41 -11.08 46.23
CA LEU B 160 -17.02 -11.48 46.03
C LEU B 160 -16.35 -10.58 45.00
N GLU B 161 -17.05 -10.32 43.90
CA GLU B 161 -16.53 -9.52 42.78
C GLU B 161 -16.29 -8.06 43.18
N SER B 162 -17.37 -7.36 43.55
CA SER B 162 -17.26 -6.08 44.23
C SER B 162 -17.24 -6.40 45.72
N GLY B 163 -17.22 -5.38 46.57
CA GLY B 163 -17.23 -5.60 48.02
C GLY B 163 -18.56 -5.32 48.70
N HIS B 164 -19.59 -5.01 47.89
CA HIS B 164 -20.85 -4.46 48.43
C HIS B 164 -21.70 -5.50 49.14
N VAL B 165 -22.59 -5.01 50.00
CA VAL B 165 -23.46 -5.87 50.80
C VAL B 165 -24.55 -6.53 49.94
N VAL B 166 -24.77 -7.81 50.18
CA VAL B 166 -25.85 -8.55 49.53
C VAL B 166 -26.97 -8.77 50.54
N THR B 167 -28.19 -8.88 50.03
CA THR B 167 -29.36 -9.16 50.86
C THR B 167 -29.99 -10.47 50.43
N TRP B 168 -30.53 -11.22 51.38
CA TRP B 168 -31.40 -12.33 51.07
C TRP B 168 -32.75 -11.74 50.67
N VAL B 169 -33.31 -12.20 49.56
CA VAL B 169 -34.62 -11.76 49.12
C VAL B 169 -35.49 -12.91 48.65
N SER B 170 -36.80 -12.71 48.75
CA SER B 170 -37.79 -13.64 48.23
C SER B 170 -38.80 -12.86 47.38
N GLU B 171 -38.73 -13.00 46.05
CA GLU B 171 -39.47 -12.14 45.13
C GLU B 171 -39.92 -12.85 43.87
N GLU B 172 -41.10 -12.49 43.37
CA GLU B 172 -41.46 -12.87 42.00
C GLU B 172 -40.55 -12.09 41.05
N ASN B 173 -40.14 -12.73 39.96
CA ASN B 173 -39.19 -12.15 39.03
C ASN B 173 -39.31 -12.79 37.65
N TYR B 174 -39.20 -11.96 36.61
CA TYR B 174 -39.31 -12.44 35.23
C TYR B 174 -37.93 -12.82 34.70
N MET B 175 -37.82 -14.06 34.21
CA MET B 175 -36.59 -14.56 33.57
C MET B 175 -36.79 -14.73 32.08
N PHE B 176 -35.76 -14.34 31.32
CA PHE B 176 -35.65 -14.72 29.92
C PHE B 176 -34.82 -16.00 29.84
N ARG B 177 -35.33 -16.98 29.11
CA ARG B 177 -34.75 -18.32 29.02
C ARG B 177 -33.60 -18.36 28.02
N LEU B 178 -32.54 -17.63 28.34
CA LEU B 178 -31.40 -17.47 27.47
C LEU B 178 -30.68 -18.78 27.22
N SER B 179 -30.67 -19.68 28.20
CA SER B 179 -30.00 -20.98 28.05
C SER B 179 -30.51 -21.81 26.86
N ALA B 180 -31.74 -21.55 26.44
CA ALA B 180 -32.35 -22.28 25.33
C ALA B 180 -31.92 -21.78 23.95
N PHE B 181 -31.09 -20.73 23.91
CA PHE B 181 -30.67 -20.10 22.66
C PHE B 181 -29.22 -20.36 22.30
N ARG B 182 -28.52 -21.09 23.16
CA ARG B 182 -27.12 -21.43 22.94
C ARG B 182 -26.86 -21.97 21.52
N GLU B 183 -27.57 -23.00 21.11
CA GLU B 183 -27.34 -23.64 19.81
C GLU B 183 -27.68 -22.73 18.64
N ARG B 184 -28.78 -21.99 18.73
CA ARG B 184 -29.14 -21.05 17.67
C ARG B 184 -28.12 -19.91 17.54
N LEU B 185 -27.58 -19.45 18.67
CA LEU B 185 -26.56 -18.40 18.64
C LEU B 185 -25.28 -18.90 17.99
N LEU B 186 -24.85 -20.10 18.36
CA LEU B 186 -23.66 -20.72 17.78
C LEU B 186 -23.82 -20.95 16.27
N GLU B 187 -25.00 -21.36 15.83
CA GLU B 187 -25.31 -21.49 14.41
C GLU B 187 -25.16 -20.14 13.71
N TRP B 188 -25.69 -19.10 14.33
CA TRP B 188 -25.60 -17.76 13.78
C TRP B 188 -24.15 -17.26 13.65
N TYR B 189 -23.34 -17.44 14.70
CA TYR B 189 -21.94 -17.01 14.64
C TYR B 189 -21.18 -17.75 13.53
N HIS B 190 -21.40 -19.06 13.41
CA HIS B 190 -20.63 -19.82 12.43
CA HIS B 190 -20.67 -19.89 12.43
C HIS B 190 -21.11 -19.62 11.00
N ALA B 191 -22.40 -19.33 10.81
CA ALA B 191 -22.95 -19.05 9.50
C ALA B 191 -22.62 -17.63 9.00
N ASN B 192 -22.31 -16.71 9.91
CA ASN B 192 -21.98 -15.33 9.52
C ASN B 192 -20.69 -14.94 10.19
N PRO B 193 -19.56 -15.49 9.71
CA PRO B 193 -18.29 -15.35 10.43
C PRO B 193 -17.67 -13.95 10.46
N GLY B 194 -18.32 -12.96 9.86
CA GLY B 194 -17.89 -11.57 9.99
C GLY B 194 -18.87 -10.71 10.77
N CYS B 195 -19.78 -11.33 11.51
CA CYS B 195 -20.81 -10.58 12.22
C CYS B 195 -20.31 -9.90 13.49
N ILE B 196 -19.11 -10.26 13.96
CA ILE B 196 -18.50 -9.57 15.10
C ILE B 196 -17.08 -9.20 14.76
N VAL B 197 -16.75 -7.93 14.94
CA VAL B 197 -15.45 -7.42 14.60
C VAL B 197 -14.90 -6.65 15.78
N PRO B 198 -13.58 -6.75 16.04
CA PRO B 198 -12.58 -7.56 15.35
C PRO B 198 -12.65 -9.02 15.72
N GLU B 199 -11.88 -9.82 14.99
CA GLU B 199 -12.01 -11.27 15.02
C GLU B 199 -11.72 -11.89 16.38
N PHE B 200 -10.75 -11.37 17.13
CA PHE B 200 -10.45 -11.96 18.44
C PHE B 200 -11.62 -11.77 19.45
N ARG B 201 -12.42 -10.73 19.23
CA ARG B 201 -13.59 -10.50 20.06
C ARG B 201 -14.70 -11.47 19.67
N ARG B 202 -14.79 -11.73 18.37
CA ARG B 202 -15.72 -12.73 17.88
C ARG B 202 -15.44 -14.09 18.52
N ARG B 203 -14.16 -14.47 18.54
CA ARG B 203 -13.75 -15.73 19.14
C ARG B 203 -14.09 -15.80 20.64
N GLU B 204 -13.90 -14.69 21.35
CA GLU B 204 -14.28 -14.58 22.76
C GLU B 204 -15.77 -14.83 22.99
N VAL B 205 -16.62 -14.21 22.18
CA VAL B 205 -18.05 -14.41 22.31
C VAL B 205 -18.40 -15.86 22.08
N ILE B 206 -17.86 -16.46 21.02
CA ILE B 206 -18.18 -17.86 20.71
C ILE B 206 -17.78 -18.78 21.86
N ARG B 207 -16.60 -18.57 22.44
CA ARG B 207 -16.13 -19.42 23.53
C ARG B 207 -17.05 -19.32 24.74
N ALA B 208 -17.55 -18.13 25.02
CA ALA B 208 -18.46 -17.92 26.14
C ALA B 208 -19.75 -18.70 25.92
N VAL B 209 -20.34 -18.58 24.74
CA VAL B 209 -21.60 -19.27 24.46
C VAL B 209 -21.39 -20.80 24.42
N GLU B 210 -20.22 -21.25 23.97
CA GLU B 210 -19.89 -22.68 24.00
C GLU B 210 -19.92 -23.24 25.42
N LYS B 211 -19.40 -22.47 26.39
CA LYS B 211 -19.39 -22.88 27.79
C LYS B 211 -20.78 -23.00 28.42
N GLY B 212 -21.82 -22.54 27.72
CA GLY B 212 -23.21 -22.60 28.22
C GLY B 212 -23.64 -21.25 28.72
N LEU B 213 -24.95 -21.03 28.76
CA LEU B 213 -25.51 -19.72 29.11
C LEU B 213 -26.56 -19.84 30.23
N PRO B 214 -26.43 -19.03 31.28
CA PRO B 214 -27.51 -19.04 32.28
C PRO B 214 -28.72 -18.27 31.75
N ASP B 215 -29.87 -18.43 32.38
CA ASP B 215 -31.04 -17.61 32.04
C ASP B 215 -30.82 -16.21 32.59
N LEU B 216 -31.63 -15.26 32.13
CA LEU B 216 -31.36 -13.84 32.34
C LEU B 216 -32.54 -13.14 32.98
N SER B 217 -32.30 -12.48 34.11
CA SER B 217 -33.37 -11.73 34.77
C SER B 217 -33.64 -10.43 34.02
N VAL B 218 -34.89 -10.20 33.65
CA VAL B 218 -35.27 -9.03 32.82
C VAL B 218 -36.24 -8.08 33.50
N SER B 219 -36.55 -8.32 34.78
CA SER B 219 -37.32 -7.37 35.56
C SER B 219 -36.69 -7.08 36.92
N ARG B 220 -37.07 -5.95 37.50
CA ARG B 220 -36.83 -5.70 38.92
C ARG B 220 -38.12 -5.20 39.56
N ALA B 221 -38.25 -5.42 40.87
CA ALA B 221 -39.35 -4.84 41.64
C ALA B 221 -39.26 -3.31 41.54
N ARG B 222 -40.41 -2.65 41.44
CA ARG B 222 -40.42 -1.19 41.24
C ARG B 222 -39.73 -0.39 42.35
N ALA B 223 -39.81 -0.86 43.59
CA ALA B 223 -39.13 -0.17 44.70
C ALA B 223 -37.63 -0.14 44.48
N THR B 224 -37.07 -1.24 44.00
CA THR B 224 -35.64 -1.34 43.68
C THR B 224 -35.17 -0.25 42.70
N LEU B 225 -36.02 0.05 41.71
CA LEU B 225 -35.72 1.03 40.69
C LEU B 225 -36.25 2.43 41.01
N HIS B 226 -36.79 2.60 42.21
CA HIS B 226 -37.33 3.88 42.67
C HIS B 226 -38.44 4.35 41.74
N ASN B 227 -39.20 3.39 41.25
CA ASN B 227 -40.26 3.64 40.29
C ASN B 227 -39.81 4.41 39.04
N TRP B 228 -38.55 4.28 38.64
CA TRP B 228 -38.04 5.04 37.52
C TRP B 228 -37.61 4.11 36.37
N ALA B 229 -38.60 3.58 35.68
CA ALA B 229 -38.40 2.54 34.68
C ALA B 229 -39.72 2.27 33.97
N ILE B 230 -39.68 1.42 32.94
CA ILE B 230 -40.90 1.02 32.24
C ILE B 230 -41.60 -0.13 32.99
N PRO B 231 -42.92 -0.06 33.17
CA PRO B 231 -43.64 -1.15 33.81
C PRO B 231 -43.79 -2.40 32.95
N VAL B 232 -43.72 -3.56 33.59
CA VAL B 232 -44.01 -4.81 32.93
C VAL B 232 -45.47 -4.82 32.51
N PRO B 233 -45.77 -5.12 31.23
CA PRO B 233 -47.14 -5.25 30.74
C PRO B 233 -47.97 -6.23 31.54
N GLY B 234 -49.08 -5.76 32.09
CA GLY B 234 -49.97 -6.60 32.86
C GLY B 234 -49.49 -6.83 34.28
N ASN B 235 -48.41 -6.16 34.68
CA ASN B 235 -47.89 -6.32 36.04
C ASN B 235 -47.14 -5.08 36.55
N PRO B 236 -47.89 -4.05 36.98
CA PRO B 236 -47.39 -2.76 37.45
C PRO B 236 -46.42 -2.81 38.62
N ASP B 237 -46.44 -3.91 39.38
CA ASP B 237 -45.51 -4.09 40.50
C ASP B 237 -44.07 -4.30 40.07
N HIS B 238 -43.84 -4.67 38.81
CA HIS B 238 -42.50 -4.93 38.30
C HIS B 238 -42.17 -4.02 37.12
N CAS B 239 -40.87 -3.77 36.98
CA CAS B 239 -40.37 -2.91 35.91
CB CAS B 239 -39.51 -1.80 36.49
C CAS B 239 -39.50 -3.69 35.00
O CAS B 239 -38.86 -4.66 35.41
SG CAS B 239 -40.32 -0.93 37.79
AS CAS B 239 -41.80 0.33 36.72
CE1 CAS B 239 -43.64 -0.19 37.27
CE2 CAS B 239 -41.58 2.24 37.23
N VAL B 240 -39.45 -3.28 33.74
CA VAL B 240 -38.51 -3.83 32.78
C VAL B 240 -37.11 -3.33 33.12
N TYR B 241 -36.18 -4.26 33.29
CA TYR B 241 -34.78 -3.91 33.59
C TYR B 241 -34.05 -3.50 32.29
N VAL B 242 -32.75 -3.25 32.40
CA VAL B 242 -31.99 -2.61 31.33
C VAL B 242 -31.95 -3.40 30.00
N TRP B 243 -31.95 -4.74 30.08
CA TRP B 243 -31.68 -5.54 28.89
C TRP B 243 -32.71 -5.26 27.81
N LEU B 244 -33.98 -5.47 28.12
CA LEU B 244 -35.06 -5.21 27.14
C LEU B 244 -35.42 -3.73 27.00
N ASP B 245 -34.92 -2.87 27.88
CA ASP B 245 -35.19 -1.44 27.76
C ASP B 245 -34.17 -0.80 26.80
N ALA B 246 -32.89 -0.94 27.10
CA ALA B 246 -31.84 -0.25 26.33
C ALA B 246 -31.64 -0.85 24.94
N LEU B 247 -31.44 -2.16 24.88
CA LEU B 247 -31.17 -2.80 23.59
C LEU B 247 -32.31 -2.57 22.60
N THR B 248 -33.54 -2.54 23.11
CA THR B 248 -34.69 -2.31 22.26
C THR B 248 -34.69 -0.96 21.52
N ASN B 249 -33.88 0.00 21.96
CA ASN B 249 -33.81 1.31 21.32
C ASN B 249 -33.52 1.23 19.82
N TYR B 250 -32.75 0.22 19.40
CA TYR B 250 -32.44 0.01 17.99
C TYR B 250 -33.69 -0.35 17.20
N LEU B 251 -34.54 -1.18 17.80
CA LEU B 251 -35.81 -1.53 17.19
C LEU B 251 -36.73 -0.32 17.14
N THR B 252 -36.89 0.37 18.26
CA THR B 252 -37.69 1.58 18.30
C THR B 252 -37.25 2.55 17.22
N GLY B 253 -35.96 2.86 17.20
CA GLY B 253 -35.41 3.83 16.26
C GLY B 253 -35.61 3.47 14.81
N SER B 254 -35.66 2.18 14.52
CA SER B 254 -35.84 1.69 13.15
C SER B 254 -37.26 1.90 12.66
N ARG B 255 -38.17 2.22 13.58
CA ARG B 255 -39.60 2.35 13.30
C ARG B 255 -40.15 3.77 13.41
N LEU B 256 -39.30 4.75 13.69
CA LEU B 256 -39.73 6.14 13.85
C LEU B 256 -39.58 6.96 12.58
N ARG B 257 -40.69 7.50 12.10
CA ARG B 257 -40.65 8.58 11.11
C ARG B 257 -40.17 9.87 11.79
N VAL B 258 -39.22 10.55 11.16
CA VAL B 258 -38.56 11.69 11.77
C VAL B 258 -38.66 12.89 10.83
N ASP B 259 -39.14 14.02 11.34
CA ASP B 259 -39.26 15.25 10.52
C ASP B 259 -37.87 15.88 10.27
N GLU B 260 -37.88 16.97 9.51
CA GLU B 260 -36.64 17.64 9.10
C GLU B 260 -35.94 18.34 10.27
N SER B 261 -36.66 18.60 11.36
CA SER B 261 -36.06 19.13 12.59
C SER B 261 -35.32 18.04 13.39
N GLY B 262 -35.68 16.78 13.19
CA GLY B 262 -35.08 15.66 13.93
C GLY B 262 -35.97 15.13 15.05
N LYS B 263 -37.19 15.64 15.16
CA LYS B 263 -38.15 15.16 16.15
C LYS B 263 -38.97 14.02 15.55
N GLU B 264 -39.19 12.97 16.35
CA GLU B 264 -40.03 11.84 15.94
C GLU B 264 -41.50 12.25 15.80
N VAL B 265 -42.08 11.86 14.69
CA VAL B 265 -43.41 12.31 14.30
C VAL B 265 -44.43 11.17 14.37
N SER B 266 -43.96 9.92 14.36
CA SER B 266 -44.84 8.77 14.21
C SER B 266 -44.06 7.46 14.40
N LEU B 267 -44.71 6.46 14.98
CA LEU B 267 -44.18 5.10 15.11
C LEU B 267 -44.94 4.12 14.21
N VAL B 268 -44.29 3.65 13.15
CA VAL B 268 -44.89 2.65 12.28
C VAL B 268 -45.05 1.29 12.98
N ASP B 269 -45.99 0.49 12.50
CA ASP B 269 -46.27 -0.82 13.08
C ASP B 269 -45.26 -1.87 12.59
N ASP B 270 -45.00 -1.86 11.29
CA ASP B 270 -44.14 -2.83 10.64
C ASP B 270 -42.75 -2.22 10.34
N PHE B 271 -41.72 -2.77 10.97
CA PHE B 271 -40.35 -2.27 10.75
C PHE B 271 -39.96 -2.26 9.28
N ASN B 272 -40.53 -3.15 8.48
CA ASN B 272 -40.21 -3.16 7.05
C ASN B 272 -40.65 -1.91 6.29
N GLU B 273 -41.58 -1.15 6.85
CA GLU B 273 -42.06 0.04 6.17
C GLU B 273 -40.94 1.08 5.94
N LEU B 274 -39.97 1.15 6.86
CA LEU B 274 -38.88 2.13 6.78
C LEU B 274 -37.52 1.56 6.32
N GLU B 275 -37.42 0.24 6.20
CA GLU B 275 -36.26 -0.43 5.58
C GLU B 275 -34.95 -0.24 6.34
N ARG B 276 -35.03 0.01 7.64
CA ARG B 276 -33.82 0.18 8.45
C ARG B 276 -33.43 -1.08 9.18
N PHE B 277 -34.38 -1.69 9.88
CA PHE B 277 -34.09 -2.86 10.71
C PHE B 277 -33.82 -4.07 9.84
N PRO B 278 -32.83 -4.89 10.20
CA PRO B 278 -31.93 -4.76 11.35
C PRO B 278 -30.71 -3.91 11.01
N ALA B 279 -29.97 -3.52 12.03
CA ALA B 279 -28.79 -2.70 11.86
C ALA B 279 -27.76 -3.34 10.94
N ASP B 280 -27.24 -2.54 10.03
CA ASP B 280 -26.14 -3.00 9.21
C ASP B 280 -24.85 -2.96 10.03
N VAL B 281 -24.73 -2.00 10.94
CA VAL B 281 -23.62 -1.99 11.89
C VAL B 281 -24.06 -1.44 13.23
N HIS B 282 -23.84 -2.20 14.30
CA HIS B 282 -23.87 -1.68 15.66
C HIS B 282 -22.45 -1.33 16.10
N VAL B 283 -22.20 -0.06 16.39
CA VAL B 283 -20.93 0.35 16.98
C VAL B 283 -21.01 0.28 18.50
N ILE B 284 -20.09 -0.42 19.15
CA ILE B 284 -20.06 -0.52 20.61
C ILE B 284 -18.65 -0.52 21.20
N GLY B 285 -18.56 -0.21 22.48
CA GLY B 285 -17.32 -0.45 23.22
C GLY B 285 -17.23 -1.92 23.60
N LYS B 286 -16.01 -2.40 23.78
CA LYS B 286 -15.76 -3.80 24.14
C LYS B 286 -16.46 -4.23 25.43
N ASP B 287 -16.79 -3.28 26.28
CA ASP B 287 -17.41 -3.54 27.59
C ASP B 287 -18.82 -4.10 27.55
N ILE B 288 -19.55 -3.83 26.47
CA ILE B 288 -20.92 -4.31 26.34
C ILE B 288 -21.12 -5.30 25.18
N LEU B 289 -20.04 -5.91 24.72
CA LEU B 289 -20.07 -6.85 23.60
C LEU B 289 -20.97 -8.02 23.86
N LYS B 290 -20.86 -8.57 25.08
CA LYS B 290 -21.69 -9.70 25.55
CA LYS B 290 -21.66 -9.72 25.44
C LYS B 290 -23.17 -9.41 25.41
N PHE B 291 -23.56 -8.20 25.75
CA PHE B 291 -24.98 -7.83 25.75
C PHE B 291 -25.49 -7.71 24.32
N HIS B 292 -24.66 -7.16 23.44
CA HIS B 292 -25.03 -6.99 22.03
C HIS B 292 -24.90 -8.24 21.20
N ALA B 293 -23.96 -9.11 21.53
CA ALA B 293 -23.68 -10.31 20.73
C ALA B 293 -24.36 -11.57 21.26
N ILE B 294 -24.88 -11.54 22.48
CA ILE B 294 -25.53 -12.71 23.09
C ILE B 294 -26.99 -12.41 23.42
N TYR B 295 -27.23 -11.48 24.36
CA TYR B 295 -28.60 -11.13 24.79
C TYR B 295 -29.46 -10.58 23.64
N TRP B 296 -28.95 -9.54 22.99
CA TRP B 296 -29.66 -8.87 21.89
C TRP B 296 -30.13 -9.85 20.81
N PRO B 297 -29.21 -10.64 20.24
CA PRO B 297 -29.70 -11.58 19.22
C PRO B 297 -30.65 -12.69 19.76
N ALA B 298 -30.46 -13.10 21.01
CA ALA B 298 -31.39 -14.05 21.61
C ALA B 298 -32.80 -13.44 21.65
N PHE B 299 -32.89 -12.17 22.00
CA PHE B 299 -34.18 -11.49 22.01
C PHE B 299 -34.81 -11.46 20.60
N LEU B 300 -33.99 -11.21 19.60
CA LEU B 300 -34.45 -11.09 18.22
C LEU B 300 -34.88 -12.46 17.67
N LEU B 301 -34.15 -13.49 18.06
CA LEU B 301 -34.50 -14.86 17.72
C LEU B 301 -35.86 -15.26 18.31
N SER B 302 -36.08 -14.91 19.56
CA SER B 302 -37.35 -15.21 20.22
C SER B 302 -38.50 -14.54 19.47
N ALA B 303 -38.34 -13.27 19.16
CA ALA B 303 -39.40 -12.48 18.54
C ALA B 303 -39.59 -12.77 17.04
N GLY B 304 -38.71 -13.58 16.45
CA GLY B 304 -38.74 -13.83 15.01
C GLY B 304 -38.32 -12.64 14.18
N LEU B 305 -37.46 -11.79 14.75
CA LEU B 305 -36.95 -10.61 14.06
C LEU B 305 -35.58 -10.90 13.48
N PRO B 306 -35.22 -10.21 12.40
CA PRO B 306 -33.90 -10.42 11.81
C PRO B 306 -32.76 -9.91 12.68
N LEU B 307 -31.61 -10.58 12.56
CA LEU B 307 -30.42 -10.22 13.33
C LEU B 307 -29.58 -9.19 12.59
N PRO B 308 -28.83 -8.38 13.36
CA PRO B 308 -27.93 -7.40 12.79
C PRO B 308 -26.81 -8.03 11.98
N LYS B 309 -26.37 -7.34 10.94
CA LYS B 309 -25.31 -7.86 10.09
C LYS B 309 -23.95 -7.82 10.75
N LYS B 310 -23.66 -6.75 11.49
CA LYS B 310 -22.34 -6.59 12.11
C LYS B 310 -22.37 -5.90 13.46
N ILE B 311 -21.53 -6.37 14.38
CA ILE B 311 -21.28 -5.70 15.64
C ILE B 311 -19.78 -5.39 15.72
N VAL B 312 -19.43 -4.11 15.78
CA VAL B 312 -18.03 -3.70 15.85
C VAL B 312 -17.74 -3.13 17.24
N ALA B 313 -16.82 -3.79 17.95
CA ALA B 313 -16.47 -3.42 19.32
C ALA B 313 -15.07 -2.84 19.36
N HIS B 314 -14.96 -1.58 19.80
CA HIS B 314 -13.68 -0.87 19.85
C HIS B 314 -13.11 -0.87 21.27
N GLY B 315 -11.93 -0.26 21.42
CA GLY B 315 -11.24 -0.23 22.72
C GLY B 315 -11.47 1.05 23.51
N TRP B 316 -10.69 1.19 24.58
CA TRP B 316 -10.77 2.36 25.47
C TRP B 316 -9.54 3.22 25.35
N TRP B 317 -9.73 4.53 25.36
CA TRP B 317 -8.61 5.46 25.25
C TRP B 317 -7.90 5.72 26.56
N THR B 318 -6.61 6.00 26.47
CA THR B 318 -5.80 6.56 27.56
C THR B 318 -5.26 7.91 27.09
N LYS B 319 -4.75 8.70 28.02
CA LYS B 319 -4.03 9.93 27.68
C LYS B 319 -2.70 9.95 28.41
N ASP B 320 -1.64 10.24 27.66
CA ASP B 320 -0.26 10.22 28.19
C ASP B 320 0.05 8.89 28.88
N ARG B 321 -0.45 7.81 28.29
CA ARG B 321 -0.25 6.44 28.77
C ARG B 321 -0.80 6.14 30.17
N LYS B 322 -1.74 6.96 30.64
CA LYS B 322 -2.37 6.75 31.96
C LYS B 322 -3.89 6.71 31.81
N LYS B 323 -4.56 6.20 32.84
CA LYS B 323 -6.02 6.15 32.85
C LYS B 323 -6.62 7.56 32.83
N ILE B 324 -7.58 7.78 31.94
CA ILE B 324 -8.24 9.07 31.84
C ILE B 324 -9.21 9.16 33.01
N SER B 325 -9.14 10.27 33.75
CA SER B 325 -9.92 10.44 34.96
C SER B 325 -9.91 11.92 35.42
N LYS B 326 -11.09 12.42 35.74
CA LYS B 326 -11.26 13.80 36.23
C LYS B 326 -10.48 13.97 37.53
N SER B 327 -10.75 13.10 38.51
CA SER B 327 -9.86 12.91 39.66
C SER B 327 -8.67 12.09 39.17
N LEU B 328 -7.58 12.07 39.93
CA LEU B 328 -6.29 11.54 39.44
C LEU B 328 -5.63 12.46 38.40
N GLY B 329 -6.28 13.59 38.08
CA GLY B 329 -5.68 14.63 37.25
C GLY B 329 -5.21 14.18 35.88
N ASN B 330 -6.11 13.58 35.11
CA ASN B 330 -5.83 13.24 33.71
C ASN B 330 -7.09 13.38 32.85
N VAL B 331 -7.37 14.64 32.50
CA VAL B 331 -8.54 15.01 31.73
C VAL B 331 -8.23 14.96 30.24
N PHE B 332 -9.07 14.28 29.48
CA PHE B 332 -9.04 14.34 28.02
C PHE B 332 -10.40 14.83 27.53
N ASP B 333 -10.49 16.14 27.34
CA ASP B 333 -11.72 16.80 26.86
C ASP B 333 -11.64 16.97 25.34
N PRO B 334 -12.46 16.23 24.60
CA PRO B 334 -12.36 16.28 23.15
C PRO B 334 -12.68 17.66 22.56
N VAL B 335 -13.70 18.34 23.09
CA VAL B 335 -14.06 19.66 22.60
C VAL B 335 -12.90 20.63 22.80
N GLU B 336 -12.21 20.49 23.93
CA GLU B 336 -11.11 21.38 24.27
C GLU B 336 -9.96 21.18 23.29
N LYS B 337 -9.58 19.93 23.07
CA LYS B 337 -8.49 19.62 22.14
C LYS B 337 -8.87 19.96 20.71
N ALA B 338 -10.14 19.77 20.37
CA ALA B 338 -10.65 20.14 19.05
C ALA B 338 -10.52 21.64 18.79
N GLU B 339 -10.84 22.43 19.82
CA GLU B 339 -10.69 23.88 19.73
C GLU B 339 -9.23 24.28 19.55
N GLU B 340 -8.32 23.48 20.08
CA GLU B 340 -6.90 23.77 20.02
C GLU B 340 -6.27 23.35 18.71
N PHE B 341 -6.50 22.11 18.30
CA PHE B 341 -5.83 21.53 17.13
C PHE B 341 -6.71 21.44 15.89
N GLY B 342 -8.02 21.58 16.06
CA GLY B 342 -8.96 21.42 14.96
C GLY B 342 -9.87 20.23 15.15
N TYR B 343 -11.15 20.43 14.84
CA TYR B 343 -12.15 19.37 14.95
C TYR B 343 -11.87 18.18 14.01
N ASP B 344 -11.73 18.44 12.71
CA ASP B 344 -11.43 17.39 11.75
C ASP B 344 -10.11 16.71 12.06
N ALA B 345 -9.12 17.50 12.45
CA ALA B 345 -7.82 16.98 12.83
C ALA B 345 -7.92 15.99 13.98
N LEU B 346 -8.65 16.36 15.02
CA LEU B 346 -8.82 15.47 16.15
C LEU B 346 -9.52 14.18 15.74
N LYS B 347 -10.58 14.30 14.95
CA LYS B 347 -11.29 13.13 14.45
C LYS B 347 -10.33 12.22 13.68
N TYR B 348 -9.52 12.81 12.80
CA TYR B 348 -8.50 12.06 12.07
C TYR B 348 -7.59 11.30 13.03
N PHE B 349 -7.09 11.99 14.05
CA PHE B 349 -6.23 11.34 15.04
C PHE B 349 -6.90 10.15 15.72
N LEU B 350 -8.14 10.33 16.15
CA LEU B 350 -8.82 9.26 16.89
C LEU B 350 -9.00 8.02 16.02
N LEU B 351 -9.26 8.24 14.74
CA LEU B 351 -9.52 7.16 13.81
C LEU B 351 -8.24 6.59 13.20
N ARG B 352 -7.17 7.37 13.18
CA ARG B 352 -5.91 6.93 12.55
C ARG B 352 -4.96 6.30 13.56
N GLU B 353 -4.89 6.88 14.75
CA GLU B 353 -3.92 6.47 15.76
C GLU B 353 -4.12 5.01 16.20
N SER B 354 -5.36 4.59 16.35
CA SER B 354 -5.64 3.27 16.86
C SER B 354 -6.70 2.57 16.02
N GLY B 355 -6.64 1.24 15.99
CA GLY B 355 -7.72 0.44 15.42
C GLY B 355 -8.66 -0.05 16.51
N PHE B 356 -9.66 -0.82 16.13
CA PHE B 356 -10.66 -1.29 17.08
C PHE B 356 -10.14 -2.42 17.96
N SER B 357 -9.05 -3.06 17.54
CA SER B 357 -8.40 -4.11 18.34
C SER B 357 -7.59 -3.53 19.48
N ASP B 358 -7.32 -2.24 19.42
CA ASP B 358 -6.37 -1.62 20.32
C ASP B 358 -7.07 -0.69 21.29
N ASP B 359 -6.42 -0.48 22.43
CA ASP B 359 -6.78 0.60 23.33
C ASP B 359 -5.84 1.75 22.98
N GLY B 360 -6.36 2.75 22.28
CA GLY B 360 -5.57 3.87 21.80
C GLY B 360 -5.08 4.77 22.91
N ASP B 361 -4.01 5.51 22.62
CA ASP B 361 -3.44 6.46 23.57
C ASP B 361 -3.32 7.84 22.93
N TYR B 362 -3.92 8.85 23.58
CA TYR B 362 -3.77 10.21 23.11
C TYR B 362 -2.57 10.88 23.78
N SER B 363 -1.88 11.73 23.03
CA SER B 363 -0.98 12.73 23.60
C SER B 363 -0.84 13.92 22.64
N ASP B 364 -0.50 15.08 23.16
CA ASP B 364 -0.33 16.26 22.33
C ASP B 364 0.84 16.06 21.36
N LYS B 365 1.88 15.39 21.84
CA LYS B 365 3.04 15.08 21.03
C LYS B 365 2.63 14.34 19.75
N ASN B 366 1.95 13.20 19.90
CA ASN B 366 1.52 12.38 18.77
C ASN B 366 0.49 13.04 17.88
N MET B 367 -0.45 13.76 18.50
CA MET B 367 -1.46 14.53 17.79
C MET B 367 -0.82 15.52 16.82
N ILE B 368 0.17 16.25 17.32
CA ILE B 368 0.92 17.20 16.52
C ILE B 368 1.74 16.48 15.44
N ALA B 369 2.34 15.35 15.78
CA ALA B 369 3.13 14.60 14.81
C ALA B 369 2.29 14.24 13.58
N ARG B 370 1.08 13.71 13.81
CA ARG B 370 0.17 13.34 12.73
C ARG B 370 -0.39 14.54 11.99
N LEU B 371 -0.78 15.58 12.72
CA LEU B 371 -1.26 16.83 12.12
C LEU B 371 -0.21 17.41 11.17
N ASN B 372 1.04 17.51 11.63
CA ASN B 372 2.12 18.09 10.84
C ASN B 372 2.56 17.20 9.68
N GLY B 373 2.74 15.91 9.96
CA GLY B 373 3.31 14.97 8.99
C GLY B 373 2.34 14.45 7.95
N GLU B 374 1.11 14.14 8.37
CA GLU B 374 0.13 13.56 7.46
C GLU B 374 -0.81 14.63 6.89
N LEU B 375 -1.47 15.37 7.76
CA LEU B 375 -2.48 16.34 7.33
C LEU B 375 -1.92 17.58 6.60
N ALA B 376 -0.82 18.14 7.11
CA ALA B 376 -0.21 19.32 6.51
C ALA B 376 0.80 18.95 5.44
N ASP B 377 1.78 18.12 5.80
CA ASP B 377 2.89 17.79 4.91
C ASP B 377 2.53 16.87 3.75
N THR B 378 1.52 16.03 3.94
CA THR B 378 1.14 15.07 2.90
C THR B 378 -0.10 15.55 2.19
N LEU B 379 -1.19 15.77 2.93
CA LEU B 379 -2.44 16.19 2.30
C LEU B 379 -2.39 17.66 1.90
N GLY B 380 -2.16 18.53 2.88
CA GLY B 380 -2.22 19.97 2.68
C GLY B 380 -1.25 20.49 1.64
N ASN B 381 0.02 20.13 1.80
CA ASN B 381 1.11 20.52 0.89
C ASN B 381 0.78 20.16 -0.55
N LEU B 382 0.20 18.98 -0.74
CA LEU B 382 -0.17 18.50 -2.06
C LEU B 382 -1.30 19.34 -2.64
N VAL B 383 -2.28 19.67 -1.81
CA VAL B 383 -3.43 20.45 -2.24
C VAL B 383 -3.01 21.85 -2.71
N MET B 384 -2.05 22.44 -2.00
CA MET B 384 -1.53 23.75 -2.40
C MET B 384 -0.73 23.71 -3.68
N ARG B 385 0.08 22.67 -3.86
CA ARG B 385 0.90 22.50 -5.07
C ARG B 385 0.07 22.45 -6.35
N CYS B 386 -0.96 21.61 -6.39
CA CYS B 386 -1.75 21.44 -7.61
C CYS B 386 -2.70 22.62 -7.86
N THR B 387 -2.88 23.48 -6.85
CA THR B 387 -3.73 24.66 -6.98
C THR B 387 -2.96 25.98 -7.06
N SER B 388 -1.64 25.93 -6.93
CA SER B 388 -0.82 27.15 -6.90
C SER B 388 -0.76 27.82 -8.28
N ALA B 389 -0.68 29.15 -8.27
CA ALA B 389 -0.56 29.95 -9.49
C ALA B 389 0.76 29.74 -10.24
N LYS B 390 1.83 29.46 -9.51
CA LYS B 390 3.13 29.20 -10.13
C LYS B 390 3.15 27.92 -10.96
N ILE B 391 2.37 26.93 -10.55
CA ILE B 391 2.34 25.62 -11.20
C ILE B 391 1.11 25.49 -12.11
N ASN B 392 -0.06 25.79 -11.54
CA ASN B 392 -1.31 25.79 -12.30
C ASN B 392 -1.62 27.20 -12.78
N VAL B 393 -0.99 27.57 -13.89
CA VAL B 393 -1.02 28.96 -14.34
C VAL B 393 -2.39 29.42 -14.87
N ASN B 394 -3.13 28.52 -15.52
CA ASN B 394 -4.44 28.89 -16.07
C ASN B 394 -5.63 28.74 -15.11
N GLY B 395 -5.35 28.36 -13.87
CA GLY B 395 -6.40 28.14 -12.86
C GLY B 395 -7.50 27.22 -13.33
N GLU B 396 -7.13 26.04 -13.81
CA GLU B 396 -8.11 25.10 -14.34
C GLU B 396 -7.60 23.66 -14.32
N TRP B 397 -8.50 22.73 -14.63
CA TRP B 397 -8.13 21.33 -14.84
C TRP B 397 -7.67 21.21 -16.30
N PRO B 398 -6.42 20.84 -16.53
CA PRO B 398 -5.96 20.74 -17.90
C PRO B 398 -6.39 19.46 -18.58
N SER B 399 -6.43 19.49 -19.90
CA SER B 399 -6.68 18.31 -20.69
C SER B 399 -5.36 17.56 -20.78
N PRO B 400 -5.33 16.29 -20.37
CA PRO B 400 -4.04 15.61 -20.30
C PRO B 400 -3.53 15.28 -21.69
N ALA B 401 -2.21 15.21 -21.84
CA ALA B 401 -1.60 14.67 -23.05
C ALA B 401 -1.42 13.15 -22.90
N ALA B 402 -0.51 12.55 -23.65
CA ALA B 402 -0.30 11.11 -23.59
C ALA B 402 0.29 10.69 -22.26
N TYR B 403 -0.12 9.51 -21.81
CA TYR B 403 0.36 8.97 -20.55
C TYR B 403 1.63 8.14 -20.75
N THR B 404 2.59 8.33 -19.85
CA THR B 404 3.73 7.45 -19.73
C THR B 404 3.33 6.27 -18.84
N GLU B 405 4.21 5.27 -18.78
CA GLU B 405 4.01 4.17 -17.85
C GLU B 405 4.00 4.66 -16.41
N GLU B 406 4.78 5.69 -16.10
CA GLU B 406 4.79 6.18 -14.73
C GLU B 406 3.44 6.83 -14.37
N ASP B 407 2.89 7.60 -15.30
CA ASP B 407 1.52 8.12 -15.17
C ASP B 407 0.52 6.98 -14.93
N GLU B 408 0.62 5.93 -15.74
CA GLU B 408 -0.32 4.82 -15.66
C GLU B 408 -0.23 4.07 -14.33
N SER B 409 0.96 4.00 -13.76
CA SER B 409 1.13 3.32 -12.47
C SER B 409 0.43 4.09 -11.36
N LEU B 410 0.47 5.42 -11.42
CA LEU B 410 -0.20 6.25 -10.42
C LEU B 410 -1.71 6.25 -10.63
N ILE B 411 -2.11 6.38 -11.90
CA ILE B 411 -3.52 6.30 -12.26
C ILE B 411 -4.15 4.99 -11.79
N GLN B 412 -3.41 3.89 -11.95
CA GLN B 412 -3.87 2.58 -11.52
C GLN B 412 -4.13 2.56 -10.01
N LEU B 413 -3.28 3.24 -9.24
CA LEU B 413 -3.46 3.29 -7.79
C LEU B 413 -4.72 4.09 -7.46
N ILE B 414 -4.95 5.18 -8.20
CA ILE B 414 -6.12 6.00 -7.96
C ILE B 414 -7.38 5.22 -8.33
N LYS B 415 -7.36 4.58 -9.50
CA LYS B 415 -8.46 3.70 -9.89
C LYS B 415 -8.78 2.58 -8.86
N ASP B 416 -7.75 2.02 -8.24
CA ASP B 416 -7.94 0.90 -7.31
C ASP B 416 -8.40 1.37 -5.93
N LEU B 417 -8.15 2.63 -5.63
CA LEU B 417 -8.36 3.12 -4.29
C LEU B 417 -9.80 2.95 -3.75
N PRO B 418 -10.81 3.34 -4.52
CA PRO B 418 -12.18 3.25 -4.02
C PRO B 418 -12.62 1.86 -3.57
N GLY B 419 -12.28 0.83 -4.35
CA GLY B 419 -12.60 -0.54 -4.00
C GLY B 419 -11.88 -1.02 -2.75
N THR B 420 -10.61 -0.67 -2.63
CA THR B 420 -9.84 -0.95 -1.43
C THR B 420 -10.48 -0.26 -0.25
N ALA B 421 -10.71 1.03 -0.39
CA ALA B 421 -11.31 1.82 0.69
C ALA B 421 -12.69 1.28 1.06
N ASP B 422 -13.51 0.94 0.05
CA ASP B 422 -14.85 0.42 0.30
C ASP B 422 -14.85 -0.85 1.14
N HIS B 423 -13.99 -1.80 0.79
CA HIS B 423 -13.86 -3.01 1.59
C HIS B 423 -13.49 -2.71 3.04
N TYR B 424 -12.62 -1.74 3.24
CA TYR B 424 -12.21 -1.39 4.60
C TYR B 424 -13.36 -0.75 5.39
N TYR B 425 -14.06 0.19 4.78
CA TYR B 425 -15.19 0.86 5.41
C TYR B 425 -16.29 -0.14 5.78
N LEU B 426 -16.40 -1.20 5.00
CA LEU B 426 -17.44 -2.21 5.24
C LEU B 426 -17.13 -3.26 6.31
N ILE B 427 -15.86 -3.41 6.69
CA ILE B 427 -15.50 -4.45 7.66
C ILE B 427 -16.25 -4.28 9.00
N PRO B 428 -16.26 -3.07 9.57
CA PRO B 428 -15.53 -1.85 9.22
C PRO B 428 -14.16 -1.81 9.89
N ASP B 429 -13.24 -1.09 9.26
CA ASP B 429 -11.90 -0.90 9.80
C ASP B 429 -11.44 0.42 9.23
N ILE B 430 -11.76 1.48 9.96
CA ILE B 430 -11.62 2.83 9.43
C ILE B 430 -10.16 3.24 9.38
N GLN B 431 -9.38 2.70 10.31
CA GLN B 431 -7.96 3.00 10.35
C GLN B 431 -7.29 2.55 9.05
N LYS B 432 -7.58 1.33 8.63
CA LYS B 432 -7.03 0.83 7.38
C LYS B 432 -7.52 1.61 6.16
N ALA B 433 -8.78 2.05 6.19
CA ALA B 433 -9.29 2.84 5.08
C ALA B 433 -8.48 4.13 4.92
N ILE B 434 -8.19 4.79 6.04
CA ILE B 434 -7.42 6.03 6.03
C ILE B 434 -5.99 5.79 5.50
N ILE B 435 -5.37 4.72 5.97
CA ILE B 435 -4.03 4.37 5.56
C ILE B 435 -3.97 4.11 4.06
N ALA B 436 -4.96 3.38 3.54
CA ALA B 436 -5.04 3.11 2.11
C ALA B 436 -5.08 4.41 1.32
N VAL B 437 -5.97 5.32 1.71
CA VAL B 437 -6.03 6.63 1.07
C VAL B 437 -4.68 7.33 1.16
N PHE B 438 -4.07 7.30 2.34
CA PHE B 438 -2.82 8.03 2.53
C PHE B 438 -1.65 7.40 1.80
N ASP B 439 -1.70 6.09 1.59
CA ASP B 439 -0.72 5.44 0.73
C ASP B 439 -0.77 6.06 -0.68
N VAL B 440 -1.96 6.37 -1.16
CA VAL B 440 -2.12 6.96 -2.48
C VAL B 440 -1.66 8.40 -2.46
N LEU B 441 -1.99 9.11 -1.39
CA LEU B 441 -1.52 10.49 -1.21
C LEU B 441 0.00 10.56 -1.25
N ARG B 442 0.66 9.67 -0.52
CA ARG B 442 2.12 9.62 -0.53
C ARG B 442 2.63 9.36 -1.95
N ALA B 443 2.00 8.42 -2.65
CA ALA B 443 2.41 8.12 -4.02
C ALA B 443 2.24 9.31 -4.96
N ILE B 444 1.15 10.06 -4.79
CA ILE B 444 0.94 11.26 -5.60
C ILE B 444 2.02 12.29 -5.30
N ASN B 445 2.37 12.49 -4.03
CA ASN B 445 3.49 13.40 -3.69
C ASN B 445 4.81 12.99 -4.36
N ALA B 446 5.10 11.70 -4.35
CA ALA B 446 6.32 11.20 -4.96
C ALA B 446 6.32 11.50 -6.46
N TYR B 447 5.19 11.22 -7.11
CA TYR B 447 4.99 11.53 -8.51
C TYR B 447 5.24 13.01 -8.78
N VAL B 448 4.67 13.89 -7.95
CA VAL B 448 4.87 15.32 -8.12
C VAL B 448 6.34 15.69 -7.97
N THR B 449 6.98 15.16 -6.94
CA THR B 449 8.39 15.40 -6.70
C THR B 449 9.24 14.89 -7.86
N ASP B 450 8.88 13.76 -8.43
CA ASP B 450 9.57 13.24 -9.61
C ASP B 450 9.41 14.14 -10.83
N MET B 451 8.18 14.56 -11.10
CA MET B 451 7.90 15.30 -12.33
C MET B 451 8.30 16.77 -12.24
N ALA B 452 8.48 17.29 -11.03
CA ALA B 452 8.86 18.70 -10.83
C ALA B 452 8.08 19.67 -11.74
N PRO B 453 6.74 19.74 -11.56
CA PRO B 453 5.92 20.53 -12.49
C PRO B 453 6.24 22.03 -12.47
N TRP B 454 6.80 22.52 -11.37
CA TRP B 454 7.26 23.92 -11.29
C TRP B 454 8.27 24.26 -12.39
N LYS B 455 9.14 23.31 -12.72
CA LYS B 455 10.10 23.46 -13.81
C LYS B 455 9.45 23.25 -15.19
N LEU B 456 8.42 22.40 -15.23
CA LEU B 456 7.72 22.11 -16.48
C LEU B 456 6.93 23.30 -17.04
N VAL B 457 6.60 24.28 -16.20
CA VAL B 457 5.84 25.45 -16.66
C VAL B 457 6.64 26.21 -17.73
N LYS B 458 7.97 26.27 -17.55
CA LYS B 458 8.87 26.87 -18.55
C LYS B 458 9.31 25.83 -19.58
N THR B 459 9.65 24.63 -19.10
CA THR B 459 10.27 23.59 -19.92
C THR B 459 9.34 22.90 -20.93
N ASP B 460 8.24 22.33 -20.44
CA ASP B 460 7.38 21.48 -21.26
C ASP B 460 5.93 21.65 -20.81
N PRO B 461 5.20 22.63 -21.37
CA PRO B 461 3.85 22.88 -20.88
C PRO B 461 2.87 21.76 -21.22
N GLU B 462 3.11 21.05 -22.31
CA GLU B 462 2.25 19.95 -22.71
C GLU B 462 2.34 18.82 -21.69
N ARG B 463 3.55 18.53 -21.22
CA ARG B 463 3.73 17.51 -20.19
C ARG B 463 3.06 17.92 -18.88
N LEU B 464 3.20 19.19 -18.52
CA LEU B 464 2.59 19.71 -17.30
C LEU B 464 1.09 19.42 -17.26
N ARG B 465 0.42 19.58 -18.39
CA ARG B 465 -1.00 19.28 -18.50
C ARG B 465 -1.32 17.87 -17.99
N THR B 466 -0.50 16.91 -18.39
CA THR B 466 -0.70 15.54 -17.96
C THR B 466 -0.48 15.40 -16.46
N VAL B 467 0.65 15.93 -15.98
CA VAL B 467 1.04 15.78 -14.58
C VAL B 467 0.05 16.46 -13.65
N LEU B 468 -0.43 17.62 -14.09
CA LEU B 468 -1.34 18.42 -13.31
C LEU B 468 -2.70 17.75 -13.23
N TYR B 469 -3.18 17.24 -14.36
CA TYR B 469 -4.46 16.57 -14.40
C TYR B 469 -4.53 15.31 -13.54
N ILE B 470 -3.47 14.51 -13.54
CA ILE B 470 -3.43 13.28 -12.76
C ILE B 470 -3.40 13.61 -11.26
N THR B 471 -2.63 14.63 -10.92
CA THR B 471 -2.51 15.08 -9.54
C THR B 471 -3.87 15.55 -9.05
N LEU B 472 -4.48 16.46 -9.79
CA LEU B 472 -5.80 16.99 -9.44
C LEU B 472 -6.82 15.87 -9.23
N GLU B 473 -6.89 14.96 -10.19
CA GLU B 473 -7.85 13.87 -10.11
C GLU B 473 -7.50 12.93 -8.94
N GLY B 474 -6.22 12.73 -8.66
CA GLY B 474 -5.81 11.95 -7.49
C GLY B 474 -6.27 12.59 -6.20
N VAL B 475 -6.06 13.90 -6.08
CA VAL B 475 -6.49 14.63 -4.90
C VAL B 475 -8.02 14.61 -4.74
N ARG B 476 -8.76 14.69 -5.85
CA ARG B 476 -10.21 14.68 -5.78
C ARG B 476 -10.67 13.36 -5.21
N VAL B 477 -10.20 12.26 -5.80
CA VAL B 477 -10.63 10.93 -5.40
C VAL B 477 -10.29 10.61 -3.93
N THR B 478 -9.06 10.90 -3.53
CA THR B 478 -8.62 10.69 -2.17
C THR B 478 -9.39 11.56 -1.18
N THR B 479 -9.61 12.82 -1.53
CA THR B 479 -10.40 13.73 -0.70
C THR B 479 -11.83 13.20 -0.55
N LEU B 480 -12.42 12.80 -1.66
CA LEU B 480 -13.73 12.16 -1.66
C LEU B 480 -13.80 11.00 -0.65
N LEU B 481 -12.86 10.07 -0.73
CA LEU B 481 -12.87 8.91 0.19
C LEU B 481 -12.48 9.27 1.62
N LEU B 482 -11.84 10.41 1.82
CA LEU B 482 -11.56 10.95 3.15
C LEU B 482 -12.65 11.87 3.69
N SER B 483 -13.64 12.21 2.87
CA SER B 483 -14.65 13.18 3.32
C SER B 483 -15.46 12.73 4.53
N PRO B 484 -15.62 11.41 4.73
CA PRO B 484 -16.27 10.98 5.98
C PRO B 484 -15.41 11.23 7.22
N ILE B 485 -14.09 11.31 7.02
CA ILE B 485 -13.14 11.49 8.11
C ILE B 485 -12.93 12.97 8.38
N LEU B 486 -12.84 13.76 7.32
CA LEU B 486 -12.62 15.21 7.41
C LEU B 486 -13.75 15.95 6.71
N PRO B 487 -14.96 15.90 7.29
CA PRO B 487 -16.12 16.45 6.60
C PRO B 487 -16.01 17.93 6.22
N ARG B 488 -15.48 18.76 7.10
CA ARG B 488 -15.35 20.20 6.81
C ARG B 488 -14.19 20.50 5.88
N LYS B 489 -13.03 19.94 6.15
CA LYS B 489 -11.84 20.20 5.34
C LYS B 489 -11.98 19.68 3.91
N SER B 490 -12.74 18.61 3.72
CA SER B 490 -12.92 18.07 2.37
C SER B 490 -13.72 19.06 1.50
N VAL B 491 -14.66 19.77 2.12
CA VAL B 491 -15.40 20.82 1.43
C VAL B 491 -14.44 21.94 1.01
N VAL B 492 -13.54 22.33 1.91
CA VAL B 492 -12.54 23.34 1.61
C VAL B 492 -11.70 22.89 0.40
N ILE B 493 -11.23 21.65 0.43
CA ILE B 493 -10.39 21.13 -0.64
C ILE B 493 -11.14 21.12 -1.96
N PHE B 494 -12.38 20.63 -1.95
CA PHE B 494 -13.20 20.63 -3.16
C PHE B 494 -13.44 22.03 -3.69
N ASP B 495 -13.72 22.98 -2.80
CA ASP B 495 -13.87 24.37 -3.19
C ASP B 495 -12.61 24.89 -3.93
N MET B 496 -11.43 24.61 -3.37
CA MET B 496 -10.16 25.03 -4.01
C MET B 496 -9.98 24.43 -5.40
N LEU B 497 -10.27 23.14 -5.51
CA LEU B 497 -10.17 22.43 -6.78
C LEU B 497 -11.25 22.81 -7.78
N GLY B 498 -12.27 23.52 -7.32
CA GLY B 498 -13.41 23.86 -8.16
C GLY B 498 -14.23 22.66 -8.58
N VAL B 499 -14.29 21.63 -7.73
CA VAL B 499 -15.09 20.44 -8.01
C VAL B 499 -16.56 20.79 -7.81
N PRO B 500 -17.37 20.69 -8.89
CA PRO B 500 -18.81 20.95 -8.74
C PRO B 500 -19.45 20.04 -7.71
N GLU B 501 -20.46 20.56 -7.01
CA GLU B 501 -21.18 19.82 -5.96
C GLU B 501 -21.63 18.43 -6.41
N VAL B 502 -22.08 18.33 -7.64
CA VAL B 502 -22.58 17.08 -8.17
C VAL B 502 -21.50 15.98 -8.12
N HIS B 503 -20.23 16.33 -8.34
CA HIS B 503 -19.15 15.35 -8.33
C HIS B 503 -18.51 15.11 -6.95
N ARG B 504 -19.17 15.56 -5.88
CA ARG B 504 -18.60 15.48 -4.53
C ARG B 504 -19.17 14.31 -3.74
N LYS B 505 -20.27 13.73 -4.22
CA LYS B 505 -20.80 12.52 -3.64
C LYS B 505 -21.26 11.58 -4.77
N GLY B 506 -21.54 10.33 -4.41
CA GLY B 506 -22.08 9.35 -5.35
C GLY B 506 -21.02 8.39 -5.84
N ILE B 507 -21.28 7.09 -5.66
CA ILE B 507 -20.40 6.00 -6.11
C ILE B 507 -19.90 6.15 -7.55
N GLU B 508 -20.73 6.71 -8.42
CA GLU B 508 -20.33 6.96 -9.80
C GLU B 508 -19.15 7.94 -9.91
N ASN B 509 -18.97 8.79 -8.90
CA ASN B 509 -17.86 9.74 -8.88
C ASN B 509 -16.60 9.25 -8.17
N PHE B 510 -16.63 8.02 -7.69
CA PHE B 510 -15.42 7.34 -7.22
C PHE B 510 -14.47 7.08 -8.39
N GLU B 511 -14.99 7.08 -9.62
CA GLU B 511 -14.24 6.71 -10.81
C GLU B 511 -13.28 7.81 -11.26
N PHE B 512 -12.09 7.37 -11.67
CA PHE B 512 -11.08 8.24 -12.21
C PHE B 512 -11.64 8.97 -13.42
N GLY B 513 -11.44 10.28 -13.46
CA GLY B 513 -11.84 11.11 -14.59
C GLY B 513 -13.24 11.68 -14.55
N ALA B 514 -13.80 11.84 -13.35
CA ALA B 514 -15.19 12.31 -13.23
C ALA B 514 -15.36 13.82 -13.42
N VAL B 515 -14.27 14.57 -13.42
CA VAL B 515 -14.32 16.00 -13.61
C VAL B 515 -13.67 16.34 -14.94
N PRO B 516 -14.42 16.98 -15.85
CA PRO B 516 -13.87 17.23 -17.17
C PRO B 516 -12.79 18.31 -17.18
N PRO B 517 -11.76 18.12 -18.02
CA PRO B 517 -10.82 19.22 -18.26
C PRO B 517 -11.55 20.50 -18.64
N GLY B 518 -10.97 21.64 -18.28
CA GLY B 518 -11.59 22.93 -18.50
C GLY B 518 -12.33 23.44 -17.28
N THR B 519 -12.53 22.58 -16.29
CA THR B 519 -13.13 22.99 -15.04
C THR B 519 -12.23 24.02 -14.37
N ARG B 520 -12.82 25.13 -13.92
CA ARG B 520 -12.07 26.18 -13.25
C ARG B 520 -11.84 25.85 -11.79
N LEU B 521 -10.63 26.10 -11.31
CA LEU B 521 -10.33 26.07 -9.88
C LEU B 521 -11.15 27.11 -9.14
N GLY B 522 -11.17 27.01 -7.82
CA GLY B 522 -11.84 27.99 -6.99
C GLY B 522 -10.96 29.22 -6.79
N PRO B 523 -11.56 30.32 -6.28
CA PRO B 523 -10.82 31.55 -6.06
C PRO B 523 -9.74 31.37 -5.00
N ALA B 524 -8.59 32.00 -5.21
CA ALA B 524 -7.50 31.95 -4.24
C ALA B 524 -7.81 32.88 -3.07
N VAL B 525 -7.26 32.55 -1.90
CA VAL B 525 -7.45 33.36 -0.69
C VAL B 525 -6.11 33.99 -0.31
N GLU B 526 -6.16 35.12 0.40
CA GLU B 526 -4.95 35.82 0.84
C GLU B 526 -4.15 34.99 1.86
N GLY B 527 -3.31 34.08 1.34
CA GLY B 527 -2.47 33.22 2.17
C GLY B 527 -3.24 32.13 2.91
N GLU B 528 -4.17 31.49 2.20
CA GLU B 528 -5.03 30.46 2.81
C GLU B 528 -4.22 29.26 3.30
N VAL B 529 -4.65 28.69 4.41
CA VAL B 529 -4.00 27.53 5.01
C VAL B 529 -5.05 26.44 5.25
N LEU B 530 -4.72 25.21 4.86
CA LEU B 530 -5.63 24.08 5.03
C LEU B 530 -5.47 23.47 6.42
N PHE B 531 -4.23 23.10 6.74
CA PHE B 531 -3.86 22.64 8.09
C PHE B 531 -2.60 23.36 8.53
N SER B 532 -2.72 24.11 9.63
CA SER B 532 -1.60 24.88 10.18
C SER B 532 -0.68 23.96 10.95
N LYS B 533 0.61 24.03 10.68
CA LYS B 533 1.59 23.26 11.44
C LYS B 533 1.75 23.90 12.82
N ARG B 534 2.00 23.09 13.84
CA ARG B 534 2.16 23.60 15.20
C ARG B 534 3.47 23.11 15.82
N SER B 535 4.06 23.97 16.65
CA SER B 535 5.46 23.83 17.06
C SER B 535 5.70 22.78 18.15
N THR B 536 6.99 22.56 18.43
CA THR B 536 7.45 21.67 19.51
C THR B 536 8.89 22.00 19.89
C1 GOL C . 13.78 2.24 2.65
O1 GOL C . 13.42 2.32 1.28
C2 GOL C . 12.92 1.17 3.30
O2 GOL C . 11.58 1.66 3.41
C3 GOL C . 13.44 0.77 4.67
O3 GOL C . 13.09 -0.60 4.89
C1 GOL D . 20.99 -20.04 -2.10
O1 GOL D . 22.07 -20.48 -2.93
C2 GOL D . 20.24 -18.95 -2.86
O2 GOL D . 19.79 -19.50 -4.10
C3 GOL D . 19.05 -18.41 -2.03
O3 GOL D . 19.22 -17.10 -1.46
C1 GOL E . 34.99 7.12 -44.96
O1 GOL E . 34.41 8.16 -44.18
C2 GOL E . 35.96 7.76 -45.93
O2 GOL E . 35.23 8.20 -47.07
C3 GOL E . 37.01 6.75 -46.34
O3 GOL E . 37.92 7.36 -47.28
S DMS F . 30.68 16.01 -26.01
O DMS F . 31.59 16.99 -25.34
C1 DMS F . 29.27 16.78 -26.59
C2 DMS F . 31.33 15.58 -27.53
S DMS G . 24.63 14.45 -19.17
O DMS G . 23.54 14.03 -20.09
C1 DMS G . 26.11 14.57 -20.02
C2 DMS G . 24.41 16.07 -18.70
S DMS H . 27.21 17.18 -23.85
O DMS H . 26.48 18.24 -24.58
C1 DMS H . 26.70 17.12 -22.21
C2 DMS H . 26.69 15.65 -24.38
N MET I . 32.23 -0.03 -22.14
CA MET I . 31.40 1.08 -21.60
C MET I . 31.60 1.17 -20.10
O MET I . 31.29 2.21 -19.51
CB MET I . 29.91 0.85 -21.88
CG MET I . 29.53 0.67 -23.35
SD MET I . 27.77 0.30 -23.53
CE MET I . 27.52 0.71 -25.27
OXT MET I . 32.07 0.22 -19.46
C1 GOL J . -43.47 -6.59 18.03
O1 GOL J . -43.90 -7.90 18.42
C2 GOL J . -42.47 -6.75 16.90
O2 GOL J . -41.92 -8.06 17.02
C3 GOL J . -41.38 -5.67 16.97
O3 GOL J . -41.33 -4.90 15.75
C1 GOL K . 1.42 3.09 13.52
O1 GOL K . 0.12 2.97 12.95
C2 GOL K . 2.29 3.77 12.50
O2 GOL K . 1.99 3.23 11.20
C3 GOL K . 1.95 5.25 12.54
O3 GOL K . 2.48 5.93 11.40
C1 GOL L . -38.36 -25.13 22.79
O1 GOL L . -39.60 -24.51 22.41
C2 GOL L . -37.85 -24.51 24.08
O2 GOL L . -37.83 -23.08 24.00
C3 GOL L . -36.44 -24.99 24.37
O3 GOL L . -36.30 -25.23 25.77
C1 GOL M . -10.00 21.43 11.99
O1 GOL M . -9.31 20.69 10.98
C2 GOL M . -11.17 22.33 11.56
O2 GOL M . -11.72 22.95 12.73
C3 GOL M . -12.24 21.54 10.82
O3 GOL M . -13.54 22.09 11.09
C1 GOL N . -41.94 5.71 34.37
O1 GOL N . -40.94 5.37 35.33
C2 GOL N . -41.47 6.94 33.62
O2 GOL N . -42.57 7.54 32.92
C3 GOL N . -40.36 6.53 32.66
O3 GOL N . -40.17 7.51 31.64
C1 GOL O . -50.21 -2.56 29.34
O1 GOL O . -48.85 -2.36 29.74
C2 GOL O . -51.01 -3.27 30.42
O2 GOL O . -52.37 -3.43 29.99
C3 GOL O . -50.97 -2.48 31.74
O3 GOL O . -51.04 -3.36 32.87
S DMS P . -24.88 -3.24 33.97
O DMS P . -25.17 -3.14 32.52
C1 DMS P . -26.12 -2.45 34.86
C2 DMS P . -25.11 -4.85 34.51
S DMS Q . -26.43 15.77 15.05
O DMS Q . -27.88 16.03 15.16
C1 DMS Q . -25.59 17.21 15.46
C2 DMS Q . -25.93 14.72 16.32
OAA C13 R . -28.76 0.38 34.36
CLB C13 R . -27.78 -3.57 27.98
CLC C13 R . -27.11 0.14 24.13
CAD C13 R . -33.93 -0.22 34.19
CAE C13 R . -32.86 -0.20 35.05
CAF C13 R . -33.78 0.24 32.90
CAG C13 R . -31.63 0.28 34.64
CAH C13 R . -32.56 0.73 32.47
CAI C13 R . -27.43 -1.56 26.21
CAJ C13 R . -26.04 -1.54 28.17
CAK C13 R . -25.75 0.15 26.49
CAL C13 R . -25.66 1.64 31.69
CAM C13 R . -25.43 0.63 30.58
CAN C13 R . -26.58 1.18 32.80
CAO C13 R . -24.21 0.14 28.50
NAP C13 R . -24.53 1.13 29.55
NAQ C13 R . -27.98 1.51 32.56
NAR C13 R . -30.23 1.21 32.80
CAS C13 R . -28.98 0.99 33.31
CAT C13 R . -27.04 -2.10 27.42
CAU C13 R . -26.75 -0.45 25.75
CAV C13 R . -25.38 -0.40 27.72
CAW C13 R . -31.47 0.74 33.33
#